data_8HCQ
#
_entry.id   8HCQ
#
_cell.length_a   1.00
_cell.length_b   1.00
_cell.length_c   1.00
_cell.angle_alpha   90.00
_cell.angle_beta   90.00
_cell.angle_gamma   90.00
#
_symmetry.space_group_name_H-M   'P 1'
#
loop_
_entity.id
_entity.type
_entity.pdbx_description
1 polymer 'Guanine nucleotide-binding protein G(q) subunit alpha-1'
2 polymer 'Guanine nucleotide-binding protein G(I)/G(S)/G(T) subunit beta-1'
3 polymer scFv16
4 polymer 'Guanine nucleotide-binding protein G(I)/G(S)/G(O) subunit gamma-2'
5 polymer Endothelin-1
6 polymer 'Endothelin-1 receptor,Oplophorus-luciferin 2-monooxygenase catalytic subunit chimera'
#
loop_
_entity_poly.entity_id
_entity_poly.type
_entity_poly.pdbx_seq_one_letter_code
_entity_poly.pdbx_strand_id
1 'polypeptide(L)'
;MGSTVSAEDKAAAERSKMIDKNLREDGEKARRTLRLLLLGADNSGKSTIVKQMRILHGGSGGSGGTSGIFETKFQVDKVN
FHMFDVGGQRDERRKWIQCFNDVTAIIFVVDSSDYNRLQEALNDFKSIWNNRWLRTISVILFLNKQDLLAEKVLAGKSKI
EDYFPEFARYTTPEDATPEPGEDPRVTRAKYFIRKEFVDISTASGDGRHICYPHFTCAVDTENARRIFNDCKDIILQMNL
REYNLV
;
A
2 'polypeptide(L)'
;MHHHHHHGSLLQSELDQLRQEAEQLKNQIRDARKACADATLSQITNNIDPVGRIQMRTRRTLRGHLAKIYAMHWGTDSRL
LVSASQDGKLIIWDSYTTNKVHAIPLRSSWVMTCAYAPSGNYVACGGLDNICSIYNLKTREGNVRVSRELAGHTGYLSCC
RFLDDNQIVTSSGDTTCALWDIETGQQTTTFTGHTGDVMSLSLAPDTRLFVSGACDASAKLWDVREGMCRQTFTGHESDI
NAICFFPNGNAFATGSDDATCRLFDLRADQELMTYSHDNIICGITSVSFSKSGRLLLAGYDDFNCNVWDALKADRAGVLA
GHDNRVSCLGVTDDGMAVATGSWDSFLKIWNGSSGGGGSGGGGSSGVSGWRLFKKIS
;
B
3 'polypeptide(L)'
;MLLVNQSHQGFNKEHTSKMVSAIVLYVLLAAAAHSAFAVQLVESGGGLVQPGGSRKLSCSASGFAFSSFGMHWVRQAPEK
GLEWVAYISSGSGTIYYADTVKGRFTISRDDPKNTLFLQMTSLRSEDTAMYYCVRSIYYYGSSPFDFWGQGTTLTVSAGG
GGSGGGGSGGGGSADIVMTQATSSVPVTPGESVSISCRSSKSLLHSNGNTYLYWFLQRPGQSPQLLIYRMSNLASGVPDR
FSGSGSGTAFTLTISRLEAEDVGVYYCMQHLEYPLTFGAGTKLEL
;
E
4 'polypeptide(L)' MASNNTASIAQARKLVEQLKMEANIDRIKVSKAAADLMAYCEAHAKEDPLLTPVPASENPFREKKFFCAIL G
5 'polypeptide(L)' CSCSSLMDKECVYFCHLDIIW L
6 'polypeptide(L)'
;MDSKGSSQKGSRLLLLLVVSNLLLCQGVVSDYKDDDDVDMGQPGNGSAFLLAPNGSHAPDHDVTQQRDEENLYFQGASDN
PERYSTNLSNHVDDFTTFRGTELSFLVTTHQPTNLVLPSNGSMHNYCPQQTKITSAFKYINTVISCTIFIVGMVGNATLL
RIIYQNKCMRNGPNALIASLALGDLIYVVIDLPINVFKLLAGRWPFDHNDFGVFLCKLFPFLQKSSVGITVLNLCALSVD
RYRAVASWSRVQGIGIPLVTAIEIVSIWILSFILAIPEAIGFVMVPFEYRGEQHKTCMLNATSKFMEFYQDVKDWWLFGF
YFCMPLVCTAIFYTLMTCEMLNRRNGSLRIALSEHLKQRREVAKTVFCLVVIFALCWFPLHLSRILKKTVYNEMDKNRCE
LLSFLLLMDYIGINLATMNSCINPIALYFVSKKFKNCFQSCLCCCCYQSKSLMTSVPMNGTSIQVFTLEDFVGDWEQTAA
YNLDQVLEQGGVSSLLQNLAVSVTPIQRIVRSGENALKIDIHVIIPYEGLSADQMAQIEEVFKVVYPVDDHHFKVILPYG
TLVIDGVTPNMLNYFGRPYEGIAVFDGKKITVTGTLWNGNKIIDERLITPDGSMLFRVTINS
;
R
#
# COMPACT_ATOMS: atom_id res chain seq x y z
N GLU A 8 3.40 17.88 22.24
CA GLU A 8 2.86 18.70 21.16
C GLU A 8 2.76 17.88 19.87
N ASP A 9 1.75 18.19 19.05
CA ASP A 9 1.53 17.44 17.82
C ASP A 9 2.67 17.64 16.83
N LYS A 10 3.42 18.73 16.94
CA LYS A 10 4.54 18.95 16.03
C LYS A 10 5.62 17.90 16.24
N ALA A 11 5.94 17.58 17.50
CA ALA A 11 6.95 16.56 17.76
C ALA A 11 6.46 15.19 17.32
N ALA A 12 5.16 14.90 17.50
CA ALA A 12 4.61 13.65 17.01
C ALA A 12 4.71 13.55 15.50
N ALA A 13 4.42 14.65 14.80
CA ALA A 13 4.55 14.66 13.34
C ALA A 13 6.00 14.46 12.92
N GLU A 14 6.94 15.08 13.64
CA GLU A 14 8.35 14.88 13.33
C GLU A 14 8.77 13.44 13.54
N ARG A 15 8.29 12.81 14.63
CA ARG A 15 8.58 11.40 14.87
C ARG A 15 8.00 10.53 13.76
N SER A 16 6.77 10.83 13.33
CA SER A 16 6.16 10.08 12.25
C SER A 16 6.94 10.23 10.95
N LYS A 17 7.42 11.45 10.67
CA LYS A 17 8.23 11.67 9.48
C LYS A 17 9.55 10.91 9.54
N MET A 18 10.18 10.88 10.71
CA MET A 18 11.41 10.12 10.87
C MET A 18 11.15 8.62 10.67
N ILE A 19 10.04 8.12 11.23
CA ILE A 19 9.70 6.70 11.04
C ILE A 19 9.43 6.41 9.58
N ASP A 20 8.77 7.34 8.88
CA ASP A 20 8.52 7.17 7.45
C ASP A 20 9.82 7.13 6.67
N LYS A 21 10.76 8.02 7.00
CA LYS A 21 12.06 8.02 6.33
C LYS A 21 12.81 6.72 6.57
N ASN A 22 12.73 6.19 7.80
CA ASN A 22 13.33 4.89 8.08
C ASN A 22 12.63 3.77 7.31
N LEU A 23 11.32 3.88 7.12
CA LEU A 23 10.58 2.89 6.34
C LEU A 23 11.00 2.90 4.88
N ARG A 24 11.18 4.08 4.31
CA ARG A 24 11.71 4.17 2.94
C ARG A 24 13.23 4.27 2.95
N GLU A 25 13.84 3.39 3.76
CA GLU A 25 15.28 3.16 3.72
C GLU A 25 15.62 1.67 3.74
N ASP A 26 14.79 0.82 4.34
CA ASP A 26 14.92 -0.62 4.23
C ASP A 26 14.14 -1.19 3.06
N GLY A 27 13.07 -0.52 2.64
CA GLY A 27 12.31 -0.95 1.48
C GLY A 27 13.00 -0.77 0.16
N GLU A 28 13.94 0.17 0.08
CA GLU A 28 14.78 0.30 -1.10
C GLU A 28 15.81 -0.82 -1.19
N LYS A 29 16.14 -1.45 -0.07
CA LYS A 29 17.01 -2.62 -0.04
C LYS A 29 16.25 -3.92 -0.18
N ALA A 30 14.92 -3.87 -0.20
CA ALA A 30 14.09 -5.06 -0.32
C ALA A 30 13.51 -5.25 -1.72
N ARG A 31 13.53 -4.23 -2.56
CA ARG A 31 13.03 -4.34 -3.92
C ARG A 31 14.03 -5.01 -4.86
N ARG A 32 15.27 -5.18 -4.43
CA ARG A 32 16.29 -5.86 -5.22
C ARG A 32 16.67 -7.22 -4.63
N THR A 33 15.93 -7.68 -3.61
CA THR A 33 16.27 -8.97 -3.00
C THR A 33 16.06 -10.13 -3.96
N LEU A 34 15.00 -10.06 -4.77
CA LEU A 34 14.65 -11.11 -5.72
C LEU A 34 14.43 -12.45 -5.00
N ARG A 35 13.40 -12.46 -4.15
CA ARG A 35 13.10 -13.63 -3.34
C ARG A 35 12.67 -14.81 -4.20
N LEU A 36 12.99 -16.01 -3.74
CA LEU A 36 12.62 -17.25 -4.41
C LEU A 36 12.07 -18.23 -3.39
N LEU A 37 11.21 -19.13 -3.86
CA LEU A 37 10.58 -20.14 -3.02
C LEU A 37 11.02 -21.52 -3.49
N LEU A 38 11.49 -22.34 -2.56
CA LEU A 38 11.97 -23.69 -2.84
C LEU A 38 11.10 -24.70 -2.10
N LEU A 39 10.57 -25.68 -2.83
CA LEU A 39 9.76 -26.72 -2.23
C LEU A 39 9.87 -27.98 -3.10
N GLY A 40 9.55 -29.12 -2.49
CA GLY A 40 9.63 -30.37 -3.19
C GLY A 40 9.55 -31.54 -2.24
N ALA A 41 9.81 -32.73 -2.78
CA ALA A 41 9.76 -33.94 -1.99
C ALA A 41 10.93 -34.01 -1.01
N ASP A 42 10.78 -34.85 0.01
CA ASP A 42 11.82 -35.00 1.02
C ASP A 42 13.09 -35.60 0.42
N ASN A 43 12.95 -36.61 -0.44
CA ASN A 43 14.11 -37.27 -1.03
C ASN A 43 14.83 -36.40 -2.05
N SER A 44 14.23 -35.30 -2.48
CA SER A 44 14.87 -34.42 -3.46
C SER A 44 16.10 -33.76 -2.84
N GLY A 45 17.06 -33.43 -3.70
CA GLY A 45 18.30 -32.83 -3.27
C GLY A 45 18.16 -31.36 -2.92
N LYS A 46 17.47 -31.06 -1.81
CA LYS A 46 17.31 -29.68 -1.37
C LYS A 46 18.65 -29.06 -0.99
N SER A 47 19.48 -29.80 -0.27
CA SER A 47 20.77 -29.30 0.17
C SER A 47 21.82 -29.29 -0.95
N THR A 48 21.56 -29.97 -2.07
CA THR A 48 22.52 -29.97 -3.16
C THR A 48 22.70 -28.58 -3.76
N ILE A 49 21.61 -27.84 -3.91
CA ILE A 49 21.67 -26.49 -4.47
C ILE A 49 22.17 -25.51 -3.41
N ILE A 69 11.46 -22.81 8.12
CA ILE A 69 12.01 -21.79 7.23
C ILE A 69 13.53 -21.82 7.28
N PHE A 70 14.16 -21.95 6.10
CA PHE A 70 15.61 -21.99 5.99
C PHE A 70 16.05 -20.98 4.95
N GLU A 71 17.14 -20.27 5.25
CA GLU A 71 17.66 -19.22 4.38
C GLU A 71 19.05 -19.59 3.90
N THR A 72 19.37 -19.16 2.67
CA THR A 72 20.68 -19.35 2.09
C THR A 72 21.15 -18.04 1.48
N LYS A 73 22.43 -17.74 1.65
CA LYS A 73 23.03 -16.48 1.20
C LYS A 73 23.97 -16.76 0.04
N PHE A 74 23.70 -16.12 -1.10
CA PHE A 74 24.61 -16.19 -2.25
C PHE A 74 24.33 -15.00 -3.15
N GLN A 75 25.40 -14.51 -3.79
CA GLN A 75 25.34 -13.30 -4.59
C GLN A 75 26.03 -13.54 -5.93
N VAL A 76 25.35 -13.16 -7.01
CA VAL A 76 25.89 -13.32 -8.36
C VAL A 76 25.61 -12.05 -9.16
N ASP A 77 26.65 -11.48 -9.74
CA ASP A 77 26.55 -10.35 -10.66
C ASP A 77 25.82 -9.17 -10.04
N LYS A 78 26.39 -8.68 -8.94
CA LYS A 78 25.99 -7.42 -8.30
C LYS A 78 24.53 -7.42 -7.82
N VAL A 79 23.92 -8.59 -7.68
CA VAL A 79 22.56 -8.69 -7.14
C VAL A 79 22.50 -9.88 -6.20
N ASN A 80 21.83 -9.69 -5.07
CA ASN A 80 21.68 -10.75 -4.08
C ASN A 80 20.45 -11.60 -4.37
N PHE A 81 20.40 -12.76 -3.74
CA PHE A 81 19.29 -13.69 -3.89
C PHE A 81 18.81 -14.13 -2.51
N HIS A 82 17.50 -14.34 -2.39
CA HIS A 82 16.88 -14.73 -1.13
C HIS A 82 16.06 -15.99 -1.38
N MET A 83 16.38 -17.06 -0.66
CA MET A 83 15.78 -18.37 -0.90
C MET A 83 14.99 -18.81 0.32
N PHE A 84 13.79 -19.35 0.08
CA PHE A 84 12.83 -19.70 1.12
C PHE A 84 12.63 -21.21 1.11
N ASP A 85 13.27 -21.91 2.03
CA ASP A 85 13.14 -23.36 2.15
C ASP A 85 12.19 -23.66 3.31
N VAL A 86 10.89 -23.62 3.00
CA VAL A 86 9.86 -23.87 4.00
C VAL A 86 9.69 -25.38 4.17
N GLY A 87 9.89 -25.87 5.39
CA GLY A 87 9.73 -27.28 5.68
C GLY A 87 9.11 -27.57 7.03
N GLY A 88 8.68 -26.52 7.72
CA GLY A 88 8.13 -26.68 9.07
C GLY A 88 6.62 -26.76 9.11
N GLN A 89 6.00 -27.04 7.96
CA GLN A 89 4.55 -27.15 7.85
C GLN A 89 4.16 -28.60 7.60
N ARG A 90 3.01 -28.99 8.17
CA ARG A 90 2.62 -30.40 8.21
C ARG A 90 2.38 -31.00 6.82
N ASP A 91 1.36 -30.52 6.11
CA ASP A 91 0.93 -31.23 4.91
C ASP A 91 -0.01 -30.33 4.11
N GLU A 92 -0.34 -30.70 2.87
CA GLU A 92 -1.37 -29.98 2.04
C GLU A 92 -0.81 -28.70 1.42
N ARG A 93 0.08 -28.00 2.12
CA ARG A 93 0.83 -26.85 1.59
C ARG A 93 -0.03 -25.75 0.97
N ARG A 94 -1.35 -25.82 1.10
CA ARG A 94 -2.22 -24.94 0.33
C ARG A 94 -2.77 -23.77 1.12
N LYS A 95 -2.52 -23.70 2.43
CA LYS A 95 -3.04 -22.62 3.25
C LYS A 95 -2.01 -21.52 3.50
N TRP A 96 -0.75 -21.88 3.70
CA TRP A 96 0.32 -20.91 3.88
C TRP A 96 0.97 -20.49 2.57
N ILE A 97 0.61 -21.13 1.45
CA ILE A 97 1.23 -20.78 0.17
C ILE A 97 0.70 -19.44 -0.34
N GLN A 98 -0.45 -19.00 0.17
CA GLN A 98 -0.99 -17.71 -0.25
C GLN A 98 -0.12 -16.54 0.20
N CYS A 99 0.73 -16.75 1.20
CA CYS A 99 1.67 -15.71 1.60
C CYS A 99 2.71 -15.46 0.53
N PHE A 100 3.00 -16.46 -0.30
CA PHE A 100 4.03 -16.38 -1.34
C PHE A 100 3.46 -15.91 -2.68
N ASN A 101 2.40 -15.09 -2.65
CA ASN A 101 1.75 -14.66 -3.89
C ASN A 101 2.65 -13.73 -4.69
N ASP A 102 3.55 -12.99 -4.02
CA ASP A 102 4.37 -11.99 -4.67
C ASP A 102 5.84 -12.41 -4.78
N VAL A 103 6.09 -13.69 -5.01
CA VAL A 103 7.44 -14.20 -5.23
C VAL A 103 7.73 -14.17 -6.72
N THR A 104 8.99 -13.87 -7.07
CA THR A 104 9.37 -13.78 -8.48
C THR A 104 9.25 -15.14 -9.17
N ALA A 105 9.71 -16.21 -8.53
CA ALA A 105 9.69 -17.52 -9.14
C ALA A 105 9.65 -18.59 -8.06
N ILE A 106 9.27 -19.80 -8.46
CA ILE A 106 9.16 -20.95 -7.57
C ILE A 106 10.06 -22.05 -8.09
N ILE A 107 10.88 -22.61 -7.20
CA ILE A 107 11.78 -23.69 -7.53
C ILE A 107 11.13 -25.00 -7.10
N PHE A 108 10.85 -25.87 -8.05
CA PHE A 108 10.21 -27.16 -7.80
C PHE A 108 11.21 -28.27 -8.11
N VAL A 109 11.46 -29.13 -7.14
CA VAL A 109 12.50 -30.15 -7.22
C VAL A 109 11.89 -31.51 -6.93
N VAL A 110 12.12 -32.48 -7.83
CA VAL A 110 11.73 -33.86 -7.63
C VAL A 110 12.91 -34.76 -7.97
N ASP A 111 12.82 -36.01 -7.54
CA ASP A 111 13.87 -37.01 -7.79
C ASP A 111 13.56 -37.72 -9.10
N SER A 112 14.39 -37.49 -10.11
CA SER A 112 14.18 -38.13 -11.41
C SER A 112 14.53 -39.61 -11.36
N SER A 113 15.53 -39.98 -10.57
CA SER A 113 15.93 -41.38 -10.49
C SER A 113 14.86 -42.24 -9.84
N ASP A 114 13.97 -41.64 -9.06
CA ASP A 114 12.88 -42.37 -8.44
C ASP A 114 11.72 -42.54 -9.41
N TYR A 115 11.04 -43.69 -9.31
CA TYR A 115 9.92 -44.00 -10.20
C TYR A 115 8.62 -44.27 -9.46
N ASN A 116 8.66 -44.97 -8.32
CA ASN A 116 7.44 -45.28 -7.61
C ASN A 116 6.78 -44.03 -7.05
N ARG A 117 7.59 -43.09 -6.55
CA ARG A 117 7.07 -41.84 -6.00
C ARG A 117 7.07 -40.70 -7.01
N LEU A 118 7.28 -40.99 -8.29
CA LEU A 118 7.20 -39.94 -9.30
C LEU A 118 5.77 -39.53 -9.56
N GLN A 119 4.81 -40.41 -9.27
CA GLN A 119 3.41 -40.15 -9.62
C GLN A 119 2.83 -39.05 -8.75
N GLU A 120 2.78 -39.26 -7.44
CA GLU A 120 2.19 -38.24 -6.57
C GLU A 120 3.08 -37.00 -6.52
N ALA A 121 4.34 -37.11 -6.93
CA ALA A 121 5.15 -35.93 -7.17
C ALA A 121 4.64 -35.15 -8.38
N LEU A 122 4.21 -35.86 -9.42
CA LEU A 122 3.60 -35.21 -10.57
C LEU A 122 2.29 -34.53 -10.19
N ASN A 123 1.44 -35.23 -9.42
CA ASN A 123 0.20 -34.60 -8.97
C ASN A 123 0.47 -33.54 -7.91
N ASP A 124 1.63 -33.59 -7.26
CA ASP A 124 2.05 -32.50 -6.39
C ASP A 124 2.24 -31.23 -7.22
N PHE A 125 2.87 -31.36 -8.39
CA PHE A 125 3.03 -30.21 -9.28
C PHE A 125 1.68 -29.68 -9.75
N LYS A 126 0.70 -30.56 -9.91
CA LYS A 126 -0.65 -30.12 -10.28
C LYS A 126 -1.25 -29.25 -9.19
N SER A 127 -1.00 -29.58 -7.93
CA SER A 127 -1.54 -28.82 -6.81
C SER A 127 -0.89 -27.44 -6.68
N ILE A 128 0.19 -27.18 -7.42
CA ILE A 128 0.83 -25.88 -7.40
C ILE A 128 0.50 -25.08 -8.65
N TRP A 129 0.54 -25.75 -9.82
CA TRP A 129 0.33 -25.04 -11.09
C TRP A 129 -1.09 -24.47 -11.18
N ASN A 130 -2.08 -25.22 -10.72
CA ASN A 130 -3.47 -24.78 -10.80
C ASN A 130 -3.97 -24.13 -9.52
N ASN A 131 -3.10 -23.93 -8.53
CA ASN A 131 -3.53 -23.48 -7.21
C ASN A 131 -3.81 -21.98 -7.27
N ARG A 132 -4.87 -21.56 -6.57
CA ARG A 132 -5.28 -20.16 -6.60
C ARG A 132 -4.31 -19.29 -5.81
N TRP A 133 -4.24 -18.01 -6.18
CA TRP A 133 -3.23 -17.06 -5.74
C TRP A 133 -1.83 -17.45 -6.20
N LEU A 134 -1.73 -18.41 -7.12
CA LEU A 134 -0.44 -18.92 -7.57
C LEU A 134 -0.37 -19.03 -9.09
N ARG A 135 -1.35 -18.48 -9.81
CA ARG A 135 -1.45 -18.61 -11.26
C ARG A 135 -0.70 -17.49 -11.99
N THR A 136 0.19 -16.77 -11.31
CA THR A 136 0.91 -15.68 -11.93
C THR A 136 2.43 -15.86 -11.79
N ILE A 137 2.87 -16.84 -11.02
CA ILE A 137 4.29 -17.07 -10.75
C ILE A 137 4.75 -18.29 -11.55
N SER A 138 5.88 -18.15 -12.24
CA SER A 138 6.44 -19.25 -12.99
C SER A 138 7.03 -20.30 -12.05
N VAL A 139 7.19 -21.51 -12.57
CA VAL A 139 7.76 -22.63 -11.84
C VAL A 139 9.00 -23.11 -12.58
N ILE A 140 10.12 -23.21 -11.86
CA ILE A 140 11.38 -23.66 -12.44
C ILE A 140 11.61 -25.09 -11.97
N LEU A 141 11.64 -26.01 -12.93
CA LEU A 141 11.87 -27.42 -12.61
C LEU A 141 13.37 -27.69 -12.55
N PHE A 142 13.80 -28.35 -11.48
CA PHE A 142 15.22 -28.51 -11.17
C PHE A 142 15.53 -29.96 -10.81
N LEU A 143 15.11 -30.88 -11.67
CA LEU A 143 15.32 -32.30 -11.43
C LEU A 143 16.80 -32.62 -11.26
N ASN A 144 17.10 -33.50 -10.30
CA ASN A 144 18.44 -33.96 -10.03
C ASN A 144 18.53 -35.47 -10.25
N LYS A 145 19.65 -36.05 -9.83
CA LYS A 145 19.89 -37.49 -9.89
C LYS A 145 19.91 -38.01 -11.33
N GLN A 146 20.33 -37.15 -12.26
CA GLN A 146 20.53 -37.61 -13.63
C GLN A 146 21.66 -38.63 -13.71
N ASP A 147 22.73 -38.41 -12.95
CA ASP A 147 23.82 -39.38 -12.89
C ASP A 147 23.34 -40.71 -12.32
N LEU A 148 22.50 -40.66 -11.28
CA LEU A 148 21.96 -41.89 -10.72
C LEU A 148 21.09 -42.63 -11.73
N LEU A 149 20.25 -41.89 -12.48
CA LEU A 149 19.44 -42.53 -13.51
C LEU A 149 20.31 -43.16 -14.59
N ALA A 150 21.36 -42.47 -15.01
CA ALA A 150 22.25 -43.01 -16.02
C ALA A 150 22.96 -44.27 -15.53
N GLU A 151 23.42 -44.25 -14.27
CA GLU A 151 24.11 -45.42 -13.73
C GLU A 151 23.15 -46.58 -13.50
N LYS A 152 21.87 -46.29 -13.25
CA LYS A 152 20.89 -47.37 -13.11
C LYS A 152 20.56 -47.97 -14.46
N VAL A 153 20.38 -47.13 -15.49
CA VAL A 153 20.08 -47.64 -16.82
C VAL A 153 21.25 -48.45 -17.37
N LEU A 154 22.48 -47.93 -17.20
CA LEU A 154 23.66 -48.65 -17.68
C LEU A 154 23.83 -49.98 -16.96
N ALA A 155 23.62 -49.99 -15.65
CA ALA A 155 23.74 -51.21 -14.87
C ALA A 155 22.38 -51.82 -14.56
N PRO A 165 4.17 -47.07 -18.81
CA PRO A 165 3.56 -47.73 -19.97
C PRO A 165 3.70 -46.91 -21.25
N GLU A 166 3.59 -45.59 -21.14
CA GLU A 166 3.79 -44.70 -22.28
C GLU A 166 5.25 -44.61 -22.70
N PHE A 167 6.17 -45.15 -21.91
CA PHE A 167 7.59 -45.10 -22.28
C PHE A 167 7.88 -46.01 -23.46
N ALA A 168 7.14 -47.13 -23.57
CA ALA A 168 7.40 -48.08 -24.64
C ALA A 168 7.15 -47.47 -26.01
N ARG A 169 6.06 -46.73 -26.17
CA ARG A 169 5.73 -46.06 -27.42
C ARG A 169 6.09 -44.58 -27.25
N TYR A 170 7.15 -44.16 -27.95
CA TYR A 170 7.67 -42.81 -27.83
C TYR A 170 8.82 -42.65 -28.83
N THR A 171 9.13 -41.39 -29.14
CA THR A 171 10.27 -41.06 -29.97
C THR A 171 10.89 -39.77 -29.46
N THR A 172 12.20 -39.63 -29.69
CA THR A 172 12.91 -38.44 -29.24
C THR A 172 12.64 -37.28 -30.19
N PRO A 173 12.11 -36.16 -29.71
CA PRO A 173 11.87 -35.01 -30.59
C PRO A 173 13.19 -34.51 -31.18
N GLU A 174 13.12 -34.09 -32.45
CA GLU A 174 14.30 -33.56 -33.13
C GLU A 174 14.59 -32.12 -32.79
N ASP A 175 13.67 -31.42 -32.12
CA ASP A 175 13.90 -30.03 -31.75
C ASP A 175 15.06 -29.89 -30.77
N ALA A 176 15.14 -30.80 -29.80
CA ALA A 176 16.20 -30.77 -28.80
C ALA A 176 17.38 -31.62 -29.26
N THR A 177 18.57 -31.03 -29.23
CA THR A 177 19.79 -31.72 -29.66
C THR A 177 20.61 -32.11 -28.44
N PRO A 178 20.77 -33.41 -28.15
CA PRO A 178 21.61 -33.80 -27.01
C PRO A 178 23.07 -33.47 -27.26
N GLU A 179 23.80 -33.29 -26.17
CA GLU A 179 25.22 -32.95 -26.27
C GLU A 179 26.00 -34.12 -26.88
N PRO A 180 27.09 -33.83 -27.59
CA PRO A 180 27.88 -34.91 -28.20
C PRO A 180 28.48 -35.84 -27.16
N GLY A 181 28.63 -37.10 -27.55
CA GLY A 181 29.16 -38.11 -26.65
C GLY A 181 28.27 -38.41 -25.47
N GLU A 182 26.96 -38.55 -25.69
CA GLU A 182 26.00 -38.80 -24.63
C GLU A 182 25.22 -40.06 -24.96
N ASP A 183 25.11 -40.95 -23.98
CA ASP A 183 24.46 -42.24 -24.19
C ASP A 183 22.96 -42.03 -24.36
N PRO A 184 22.37 -42.37 -25.51
CA PRO A 184 20.96 -42.05 -25.74
C PRO A 184 19.98 -43.09 -25.21
N ARG A 185 20.43 -44.03 -24.38
CA ARG A 185 19.49 -44.90 -23.69
C ARG A 185 18.64 -44.12 -22.69
N VAL A 186 19.26 -43.17 -21.98
CA VAL A 186 18.54 -42.34 -21.02
C VAL A 186 17.99 -41.06 -21.65
N THR A 187 18.45 -40.70 -22.85
CA THR A 187 17.97 -39.47 -23.49
C THR A 187 16.49 -39.57 -23.81
N ARG A 188 16.04 -40.74 -24.29
CA ARG A 188 14.62 -40.90 -24.60
C ARG A 188 13.76 -40.79 -23.35
N ALA A 189 14.21 -41.38 -22.24
CA ALA A 189 13.46 -41.28 -20.99
C ALA A 189 13.42 -39.84 -20.49
N LYS A 190 14.55 -39.12 -20.58
CA LYS A 190 14.58 -37.73 -20.16
C LYS A 190 13.65 -36.88 -21.03
N TYR A 191 13.64 -37.13 -22.34
CA TYR A 191 12.76 -36.39 -23.23
C TYR A 191 11.30 -36.70 -22.93
N PHE A 192 10.99 -37.95 -22.61
CA PHE A 192 9.62 -38.30 -22.23
C PHE A 192 9.21 -37.59 -20.95
N ILE A 193 10.12 -37.51 -19.98
CA ILE A 193 9.82 -36.81 -18.73
C ILE A 193 9.57 -35.33 -19.00
N ARG A 194 10.43 -34.71 -19.82
CA ARG A 194 10.21 -33.32 -20.21
C ARG A 194 8.86 -33.15 -20.89
N LYS A 195 8.52 -34.05 -21.81
CA LYS A 195 7.28 -33.90 -22.57
C LYS A 195 6.06 -34.02 -21.67
N GLU A 196 6.07 -34.97 -20.72
CA GLU A 196 4.93 -35.11 -19.83
C GLU A 196 4.85 -33.94 -18.86
N PHE A 197 6.01 -33.39 -18.44
CA PHE A 197 6.00 -32.20 -17.61
C PHE A 197 5.40 -31.01 -18.34
N VAL A 198 5.78 -30.81 -19.61
CA VAL A 198 5.20 -29.72 -20.39
C VAL A 198 3.72 -29.96 -20.63
N ASP A 199 3.32 -31.21 -20.85
CA ASP A 199 1.91 -31.51 -21.07
C ASP A 199 1.07 -31.19 -19.84
N ILE A 200 1.56 -31.56 -18.66
CA ILE A 200 0.81 -31.28 -17.43
C ILE A 200 0.88 -29.80 -17.09
N SER A 201 1.93 -29.11 -17.54
CA SER A 201 2.02 -27.67 -17.29
C SER A 201 1.06 -26.89 -18.18
N THR A 202 0.97 -27.24 -19.46
CA THR A 202 0.17 -26.48 -20.41
C THR A 202 -1.32 -26.80 -20.33
N ALA A 203 -1.70 -27.82 -19.57
CA ALA A 203 -3.11 -28.19 -19.43
C ALA A 203 -3.88 -27.12 -18.67
N ASP A 206 -1.95 -21.48 -19.80
CA ASP A 206 -2.05 -20.14 -20.35
C ASP A 206 -0.69 -19.44 -20.38
N GLY A 207 -0.68 -18.18 -20.81
CA GLY A 207 0.55 -17.44 -21.02
C GLY A 207 0.95 -16.50 -19.91
N ARG A 208 0.14 -16.31 -18.88
CA ARG A 208 0.51 -15.40 -17.80
C ARG A 208 1.58 -15.99 -16.88
N HIS A 209 1.78 -17.31 -16.89
CA HIS A 209 2.83 -17.94 -16.11
C HIS A 209 3.23 -19.23 -16.80
N ILE A 210 4.53 -19.46 -16.93
CA ILE A 210 5.07 -20.48 -17.82
C ILE A 210 6.12 -21.31 -17.08
N CYS A 211 6.07 -22.63 -17.28
CA CYS A 211 7.02 -23.55 -16.66
C CYS A 211 8.28 -23.68 -17.51
N TYR A 212 9.41 -23.86 -16.82
CA TYR A 212 10.72 -24.00 -17.45
C TYR A 212 11.32 -25.34 -17.04
N PRO A 213 10.98 -26.42 -17.74
CA PRO A 213 11.45 -27.76 -17.35
C PRO A 213 12.81 -28.07 -17.96
N HIS A 214 13.76 -28.44 -17.10
CA HIS A 214 15.09 -28.83 -17.53
C HIS A 214 15.64 -29.86 -16.54
N PHE A 215 16.89 -30.27 -16.75
CA PHE A 215 17.59 -31.17 -15.84
C PHE A 215 18.92 -30.56 -15.42
N THR A 216 19.39 -31.00 -14.25
CA THR A 216 20.69 -30.59 -13.73
C THR A 216 21.19 -31.69 -12.79
N CYS A 217 22.48 -31.63 -12.49
CA CYS A 217 23.09 -32.61 -11.60
C CYS A 217 23.74 -31.93 -10.40
N ASP A 220 25.99 -27.54 -8.78
CA ASP A 220 27.13 -27.14 -9.59
C ASP A 220 27.44 -25.65 -9.42
N THR A 221 28.59 -25.22 -9.94
CA THR A 221 28.98 -23.82 -9.84
C THR A 221 28.09 -22.93 -10.69
N GLU A 222 27.54 -23.46 -11.78
CA GLU A 222 26.70 -22.70 -12.69
C GLU A 222 25.22 -22.72 -12.31
N ASN A 223 24.88 -23.35 -11.17
CA ASN A 223 23.49 -23.34 -10.72
C ASN A 223 23.02 -21.91 -10.44
N ALA A 224 23.86 -21.11 -9.78
CA ALA A 224 23.50 -19.72 -9.51
C ALA A 224 23.39 -18.93 -10.81
N ARG A 225 24.27 -19.19 -11.78
CA ARG A 225 24.18 -18.52 -13.07
C ARG A 225 22.87 -18.85 -13.77
N ARG A 226 22.49 -20.13 -13.74
CA ARG A 226 21.24 -20.54 -14.36
C ARG A 226 20.04 -19.90 -13.67
N ILE A 227 20.07 -19.83 -12.33
CA ILE A 227 18.98 -19.19 -11.60
C ILE A 227 18.90 -17.71 -11.96
N PHE A 228 20.05 -17.04 -12.07
CA PHE A 228 20.08 -15.65 -12.47
C PHE A 228 19.45 -15.47 -13.86
N ASN A 229 19.85 -16.30 -14.82
CA ASN A 229 19.30 -16.20 -16.16
C ASN A 229 17.80 -16.44 -16.16
N ASP A 230 17.35 -17.43 -15.37
CA ASP A 230 15.93 -17.75 -15.31
C ASP A 230 15.13 -16.58 -14.74
N CYS A 231 15.66 -15.96 -13.67
CA CYS A 231 14.99 -14.81 -13.07
C CYS A 231 14.95 -13.64 -14.03
N LYS A 232 16.04 -13.40 -14.76
CA LYS A 232 16.04 -12.32 -15.75
C LYS A 232 14.99 -12.57 -16.81
N ASP A 233 14.88 -13.81 -17.28
CA ASP A 233 13.89 -14.15 -18.30
C ASP A 233 12.49 -13.92 -17.79
N ILE A 234 12.18 -14.38 -16.57
CA ILE A 234 10.81 -14.28 -16.07
C ILE A 234 10.46 -12.81 -15.80
N ILE A 235 11.42 -12.01 -15.31
CA ILE A 235 11.14 -10.59 -15.10
C ILE A 235 10.93 -9.89 -16.43
N LEU A 236 11.72 -10.23 -17.44
CA LEU A 236 11.54 -9.61 -18.76
C LEU A 236 10.16 -9.95 -19.33
N GLN A 237 9.72 -11.20 -19.14
CA GLN A 237 8.38 -11.57 -19.57
C GLN A 237 7.32 -10.81 -18.80
N MET A 238 7.52 -10.65 -17.48
CA MET A 238 6.54 -9.95 -16.66
C MET A 238 6.44 -8.47 -17.02
N ASN A 239 7.54 -7.88 -17.49
CA ASN A 239 7.51 -6.47 -17.87
C ASN A 239 6.55 -6.24 -19.04
N LEU A 240 6.52 -7.17 -20.00
CA LEU A 240 5.64 -7.02 -21.15
C LEU A 240 4.16 -7.09 -20.76
N ARG A 241 3.86 -7.75 -19.64
CA ARG A 241 2.47 -7.89 -19.23
C ARG A 241 1.82 -6.55 -18.87
N GLU A 242 2.62 -5.59 -18.40
CA GLU A 242 2.11 -4.27 -18.06
C GLU A 242 2.20 -3.27 -19.21
N TYR A 243 3.12 -3.50 -20.14
CA TYR A 243 3.31 -2.59 -21.28
C TYR A 243 2.31 -2.80 -22.40
N ASN A 244 1.45 -3.82 -22.29
CA ASN A 244 0.49 -4.16 -23.34
C ASN A 244 1.19 -4.39 -24.67
N LEU A 245 2.34 -5.06 -24.61
CA LEU A 245 3.15 -5.31 -25.79
C LEU A 245 3.01 -6.76 -26.24
N GLU B 14 -13.97 -56.47 18.88
CA GLU B 14 -12.81 -55.62 18.63
C GLU B 14 -13.23 -54.19 18.28
N LEU B 15 -12.48 -53.55 17.38
CA LEU B 15 -12.81 -52.20 16.97
C LEU B 15 -14.19 -52.12 16.30
N ASP B 16 -14.73 -53.27 15.87
CA ASP B 16 -16.00 -53.27 15.15
C ASP B 16 -17.12 -52.68 15.99
N GLN B 17 -17.05 -52.85 17.31
CA GLN B 17 -18.11 -52.33 18.17
C GLN B 17 -17.89 -50.85 18.50
N LEU B 18 -16.79 -50.27 18.03
CA LEU B 18 -16.41 -48.93 18.51
C LEU B 18 -16.93 -47.79 17.63
N ARG B 19 -17.54 -48.08 16.48
CA ARG B 19 -18.06 -46.97 15.69
C ARG B 19 -19.58 -46.89 15.75
N GLN B 20 -20.25 -47.98 16.13
CA GLN B 20 -21.72 -48.01 16.05
C GLN B 20 -22.33 -46.85 16.83
N GLU B 21 -21.93 -46.71 18.10
CA GLU B 21 -22.47 -45.61 18.90
C GLU B 21 -22.03 -44.25 18.37
N ALA B 22 -20.99 -44.19 17.53
CA ALA B 22 -20.60 -42.90 16.97
C ALA B 22 -21.73 -42.29 16.14
N GLU B 23 -22.13 -42.96 15.06
CA GLU B 23 -23.27 -42.44 14.31
C GLU B 23 -24.58 -42.61 15.08
N GLN B 24 -24.63 -43.45 16.11
CA GLN B 24 -25.82 -43.46 16.95
C GLN B 24 -26.02 -42.11 17.63
N LEU B 25 -24.97 -41.59 18.28
CA LEU B 25 -25.07 -40.25 18.88
C LEU B 25 -25.08 -39.16 17.81
N LYS B 26 -24.52 -39.41 16.63
CA LYS B 26 -24.67 -38.44 15.54
C LYS B 26 -26.14 -38.27 15.16
N ASN B 27 -26.84 -39.39 14.99
CA ASN B 27 -28.27 -39.34 14.72
C ASN B 27 -29.05 -38.76 15.89
N GLN B 28 -28.62 -39.05 17.11
CA GLN B 28 -29.24 -38.44 18.29
C GLN B 28 -29.10 -36.92 18.26
N ILE B 29 -27.92 -36.44 17.91
CA ILE B 29 -27.68 -34.99 17.81
C ILE B 29 -28.57 -34.38 16.75
N ARG B 30 -28.63 -35.02 15.57
CA ARG B 30 -29.44 -34.45 14.49
C ARG B 30 -30.91 -34.43 14.86
N ASP B 31 -31.42 -35.52 15.46
CA ASP B 31 -32.82 -35.58 15.84
C ASP B 31 -33.14 -34.57 16.93
N ALA B 32 -32.27 -34.42 17.92
CA ALA B 32 -32.50 -33.45 18.97
C ALA B 32 -32.49 -32.03 18.42
N ARG B 33 -31.56 -31.74 17.50
CA ARG B 33 -31.50 -30.43 16.88
C ARG B 33 -32.77 -30.15 16.07
N LYS B 34 -33.25 -31.14 15.32
CA LYS B 34 -34.47 -30.93 14.54
C LYS B 34 -35.68 -30.76 15.45
N ALA B 35 -35.74 -31.52 16.55
CA ALA B 35 -36.85 -31.38 17.49
C ALA B 35 -36.85 -30.01 18.14
N CYS B 36 -35.68 -29.53 18.56
CA CYS B 36 -35.61 -28.20 19.15
C CYS B 36 -35.75 -27.11 18.11
N ALA B 37 -35.54 -27.42 16.83
CA ALA B 37 -35.74 -26.45 15.76
C ALA B 37 -37.22 -26.33 15.43
N ASP B 38 -37.56 -25.24 14.74
CA ASP B 38 -38.93 -24.96 14.34
C ASP B 38 -38.88 -24.04 13.13
N ALA B 39 -40.01 -23.40 12.82
CA ALA B 39 -40.06 -22.44 11.72
C ALA B 39 -39.02 -21.35 11.93
N THR B 40 -38.34 -20.98 10.84
CA THR B 40 -37.21 -20.07 10.91
C THR B 40 -37.64 -18.67 11.35
N LEU B 41 -36.65 -17.81 11.53
CA LEU B 41 -36.87 -16.44 11.98
C LEU B 41 -37.11 -15.46 10.86
N SER B 42 -37.16 -15.92 9.60
CA SER B 42 -37.38 -15.01 8.48
C SER B 42 -38.73 -14.33 8.59
N GLN B 43 -39.78 -15.08 8.96
CA GLN B 43 -41.10 -14.49 9.15
C GLN B 43 -41.21 -13.65 10.40
N ILE B 44 -40.20 -13.68 11.28
CA ILE B 44 -40.20 -12.84 12.46
C ILE B 44 -39.40 -11.57 12.25
N THR B 45 -38.25 -11.67 11.58
CA THR B 45 -37.40 -10.51 11.39
C THR B 45 -37.96 -9.54 10.36
N ASN B 46 -38.76 -10.03 9.42
CA ASN B 46 -39.32 -9.16 8.38
C ASN B 46 -40.40 -8.23 8.90
N ASN B 47 -40.87 -8.42 10.13
CA ASN B 47 -41.92 -7.54 10.68
C ASN B 47 -41.39 -6.12 10.83
N ILE B 48 -40.19 -5.98 11.40
CA ILE B 48 -39.63 -4.65 11.65
C ILE B 48 -39.10 -4.07 10.34
N ASP B 49 -39.05 -2.74 10.29
CA ASP B 49 -38.53 -2.07 9.10
C ASP B 49 -37.04 -2.31 8.98
N PRO B 50 -36.55 -2.69 7.79
CA PRO B 50 -35.12 -2.92 7.62
C PRO B 50 -34.34 -1.62 7.57
N VAL B 51 -33.04 -1.74 7.89
CA VAL B 51 -32.17 -0.57 7.86
C VAL B 51 -32.02 -0.04 6.44
N GLY B 52 -31.98 -0.93 5.45
CA GLY B 52 -31.85 -0.50 4.07
C GLY B 52 -30.41 -0.19 3.70
N ARG B 53 -30.23 0.20 2.43
CA ARG B 53 -28.92 0.56 1.94
C ARG B 53 -28.43 1.84 2.62
N ILE B 54 -27.15 1.85 2.99
CA ILE B 54 -26.53 2.99 3.65
C ILE B 54 -25.26 3.37 2.89
N GLN B 55 -25.03 4.68 2.82
CA GLN B 55 -23.85 5.23 2.15
C GLN B 55 -22.81 5.58 3.21
N MET B 56 -21.67 4.91 3.15
CA MET B 56 -20.59 5.09 4.11
C MET B 56 -19.31 5.46 3.37
N ARG B 57 -18.68 6.55 3.78
CA ARG B 57 -17.53 7.11 3.08
C ARG B 57 -16.29 7.02 3.95
N THR B 58 -15.14 6.80 3.31
CA THR B 58 -13.88 6.74 4.02
C THR B 58 -13.52 8.12 4.59
N ARG B 59 -12.85 8.11 5.74
CA ARG B 59 -12.47 9.34 6.42
C ARG B 59 -10.96 9.54 6.51
N ARG B 60 -10.20 8.47 6.70
CA ARG B 60 -8.74 8.54 6.80
C ARG B 60 -8.13 7.58 5.78
N THR B 61 -7.77 8.12 4.61
CA THR B 61 -7.10 7.33 3.57
C THR B 61 -5.64 7.15 3.98
N LEU B 62 -5.44 6.20 4.90
CA LEU B 62 -4.14 6.00 5.52
C LEU B 62 -3.11 5.49 4.51
N ARG B 63 -1.89 6.01 4.61
CA ARG B 63 -0.75 5.55 3.83
C ARG B 63 0.44 5.34 4.74
N GLY B 64 1.45 4.65 4.21
CA GLY B 64 2.68 4.45 4.95
C GLY B 64 3.17 3.02 4.97
N HIS B 65 2.27 2.07 4.76
CA HIS B 65 2.65 0.67 4.78
C HIS B 65 3.44 0.31 3.53
N LEU B 66 4.25 -0.76 3.65
CA LEU B 66 5.20 -1.11 2.60
C LEU B 66 4.82 -2.36 1.83
N ALA B 67 4.20 -3.35 2.47
CA ALA B 67 3.92 -4.63 1.84
C ALA B 67 2.48 -5.02 2.14
N LYS B 68 2.14 -6.27 1.80
CA LYS B 68 0.78 -6.75 1.98
C LYS B 68 0.42 -6.85 3.45
N ILE B 69 -0.74 -6.30 3.81
CA ILE B 69 -1.23 -6.34 5.18
C ILE B 69 -1.99 -7.64 5.39
N TYR B 70 -1.72 -8.33 6.48
CA TYR B 70 -2.33 -9.63 6.77
C TYR B 70 -3.35 -9.60 7.89
N ALA B 71 -3.08 -8.86 8.98
CA ALA B 71 -4.00 -8.83 10.10
C ALA B 71 -3.81 -7.53 10.87
N MET B 72 -4.81 -7.19 11.67
CA MET B 72 -4.76 -6.00 12.51
C MET B 72 -5.69 -6.20 13.70
N HIS B 73 -5.55 -5.33 14.69
CA HIS B 73 -6.40 -5.37 15.87
C HIS B 73 -6.49 -3.98 16.48
N TRP B 74 -7.63 -3.71 17.09
CA TRP B 74 -7.84 -2.46 17.83
C TRP B 74 -7.51 -2.64 19.29
N GLY B 75 -7.09 -1.56 19.92
CA GLY B 75 -6.88 -1.54 21.36
C GLY B 75 -8.19 -1.35 22.11
N THR B 76 -8.07 -1.28 23.43
CA THR B 76 -9.24 -0.99 24.26
C THR B 76 -9.81 0.38 23.93
N ASP B 77 -8.95 1.38 23.77
CA ASP B 77 -9.39 2.67 23.26
C ASP B 77 -9.65 2.57 21.76
N SER B 78 -10.59 3.39 21.29
CA SER B 78 -11.00 3.39 19.89
C SER B 78 -10.11 4.24 19.00
N ARG B 79 -8.87 4.51 19.42
CA ARG B 79 -7.98 5.40 18.69
C ARG B 79 -6.72 4.73 18.18
N LEU B 80 -6.19 3.75 18.90
CA LEU B 80 -4.91 3.14 18.58
C LEU B 80 -5.12 1.84 17.80
N LEU B 81 -4.21 1.56 16.87
CA LEU B 81 -4.27 0.37 16.04
C LEU B 81 -2.90 -0.29 15.97
N VAL B 82 -2.91 -1.58 15.67
CA VAL B 82 -1.69 -2.34 15.40
C VAL B 82 -1.90 -3.12 14.12
N SER B 83 -0.91 -3.08 13.22
CA SER B 83 -1.01 -3.73 11.92
C SER B 83 0.24 -4.56 11.66
N ALA B 84 0.03 -5.70 11.00
CA ALA B 84 1.10 -6.62 10.65
C ALA B 84 1.16 -6.77 9.14
N SER B 85 2.35 -7.05 8.61
CA SER B 85 2.56 -7.17 7.17
C SER B 85 3.72 -8.11 6.91
N GLN B 86 3.84 -8.52 5.64
CA GLN B 86 4.87 -9.47 5.23
C GLN B 86 6.27 -8.87 5.23
N ASP B 87 6.39 -7.54 5.38
CA ASP B 87 7.71 -6.92 5.39
C ASP B 87 8.42 -7.05 6.73
N GLY B 88 7.86 -7.79 7.68
CA GLY B 88 8.48 -7.96 8.98
C GLY B 88 8.55 -6.70 9.82
N LYS B 89 7.46 -5.94 9.87
CA LYS B 89 7.43 -4.72 10.66
C LYS B 89 6.03 -4.49 11.19
N LEU B 90 5.94 -4.13 12.47
CA LEU B 90 4.67 -3.77 13.11
C LEU B 90 4.62 -2.25 13.28
N ILE B 91 3.51 -1.66 12.86
CA ILE B 91 3.31 -0.22 12.95
C ILE B 91 2.08 0.05 13.79
N ILE B 92 2.22 0.93 14.78
CA ILE B 92 1.12 1.34 15.64
C ILE B 92 0.61 2.68 15.13
N TRP B 93 -0.66 2.72 14.74
CA TRP B 93 -1.26 3.89 14.11
C TRP B 93 -2.13 4.65 15.10
N ASP B 94 -2.06 5.97 15.04
CA ASP B 94 -2.96 6.86 15.77
C ASP B 94 -4.03 7.31 14.76
N SER B 95 -5.24 6.78 14.91
CA SER B 95 -6.27 6.98 13.90
C SER B 95 -6.68 8.44 13.77
N TYR B 96 -6.79 9.15 14.90
CA TYR B 96 -7.31 10.51 14.88
C TYR B 96 -6.40 11.45 14.09
N THR B 97 -5.09 11.33 14.28
CA THR B 97 -4.14 12.23 13.64
C THR B 97 -3.35 11.59 12.51
N THR B 98 -3.45 10.26 12.33
CA THR B 98 -2.78 9.55 11.25
C THR B 98 -1.26 9.76 11.32
N ASN B 99 -0.66 9.23 12.38
CA ASN B 99 0.80 9.23 12.54
C ASN B 99 1.23 7.95 13.24
N LYS B 100 2.45 7.52 12.94
CA LYS B 100 2.98 6.28 13.48
C LYS B 100 3.51 6.50 14.90
N VAL B 101 3.06 5.66 15.83
CA VAL B 101 3.51 5.76 17.22
C VAL B 101 4.78 4.95 17.45
N HIS B 102 4.82 3.71 16.96
CA HIS B 102 5.98 2.85 17.13
C HIS B 102 6.20 2.05 15.86
N ALA B 103 7.45 1.64 15.66
CA ALA B 103 7.83 0.80 14.52
C ALA B 103 8.69 -0.34 15.05
N ILE B 104 8.12 -1.55 15.07
CA ILE B 104 8.79 -2.73 15.62
C ILE B 104 9.35 -3.54 14.46
N PRO B 105 10.67 -3.68 14.33
CA PRO B 105 11.24 -4.51 13.26
C PRO B 105 11.22 -5.98 13.65
N LEU B 106 10.37 -6.75 12.97
CA LEU B 106 10.22 -8.16 13.28
C LEU B 106 11.40 -8.96 12.74
N ARG B 107 11.85 -9.94 13.53
CA ARG B 107 12.91 -10.83 13.07
C ARG B 107 12.46 -11.67 11.89
N SER B 108 11.24 -12.17 11.93
CA SER B 108 10.68 -13.01 10.88
C SER B 108 9.75 -12.18 10.00
N SER B 109 10.02 -12.16 8.70
CA SER B 109 9.21 -11.38 7.78
C SER B 109 7.81 -11.96 7.64
N TRP B 110 7.66 -13.28 7.76
CA TRP B 110 6.38 -13.94 7.54
C TRP B 110 5.59 -13.96 8.82
N VAL B 111 4.66 -13.01 8.95
CA VAL B 111 3.69 -13.00 10.04
C VAL B 111 2.30 -12.93 9.43
N MET B 112 1.34 -13.55 10.11
CA MET B 112 -0.04 -13.60 9.63
C MET B 112 -1.06 -13.11 10.65
N THR B 113 -0.65 -12.79 11.88
CA THR B 113 -1.59 -12.32 12.89
C THR B 113 -0.90 -11.35 13.83
N CYS B 114 -1.70 -10.51 14.46
CA CYS B 114 -1.23 -9.58 15.47
C CYS B 114 -2.39 -9.22 16.38
N ALA B 115 -2.07 -8.78 17.59
CA ALA B 115 -3.09 -8.49 18.58
C ALA B 115 -2.62 -7.37 19.50
N TYR B 116 -3.59 -6.71 20.12
CA TYR B 116 -3.34 -5.64 21.09
C TYR B 116 -3.86 -6.09 22.45
N ALA B 117 -3.03 -5.94 23.49
CA ALA B 117 -3.45 -6.32 24.83
C ALA B 117 -4.57 -5.41 25.32
N PRO B 118 -5.49 -5.94 26.13
CA PRO B 118 -6.56 -5.08 26.67
C PRO B 118 -6.04 -3.92 27.49
N SER B 119 -4.93 -4.10 28.20
CA SER B 119 -4.32 -3.02 28.96
C SER B 119 -3.51 -2.06 28.09
N GLY B 120 -3.24 -2.43 26.84
CA GLY B 120 -2.46 -1.60 25.95
C GLY B 120 -0.97 -1.61 26.21
N ASN B 121 -0.48 -2.55 27.01
CA ASN B 121 0.93 -2.59 27.36
C ASN B 121 1.74 -3.58 26.53
N TYR B 122 1.10 -4.56 25.90
CA TYR B 122 1.79 -5.60 25.15
C TYR B 122 1.17 -5.77 23.78
N VAL B 123 2.01 -6.19 22.83
CA VAL B 123 1.59 -6.47 21.46
C VAL B 123 2.19 -7.82 21.05
N ALA B 124 1.36 -8.71 20.52
CA ALA B 124 1.78 -10.03 20.11
C ALA B 124 1.62 -10.20 18.60
N CYS B 125 2.49 -11.03 18.03
CA CYS B 125 2.44 -11.32 16.60
C CYS B 125 3.00 -12.71 16.36
N GLY B 126 2.64 -13.28 15.21
CA GLY B 126 3.12 -14.61 14.85
C GLY B 126 2.87 -14.89 13.38
N GLY B 127 3.49 -15.97 12.91
CA GLY B 127 3.36 -16.37 11.53
C GLY B 127 4.01 -17.71 11.22
N LEU B 128 4.70 -17.78 10.08
CA LEU B 128 5.36 -19.02 9.67
C LEU B 128 6.57 -19.35 10.53
N ASP B 129 7.03 -18.43 11.37
CA ASP B 129 8.19 -18.69 12.23
C ASP B 129 7.90 -19.68 13.34
N ASN B 130 6.63 -20.06 13.54
CA ASN B 130 6.21 -21.02 14.56
C ASN B 130 6.48 -20.51 15.98
N ILE B 131 6.72 -19.22 16.13
CA ILE B 131 7.02 -18.62 17.44
C ILE B 131 6.17 -17.37 17.60
N CYS B 132 5.53 -17.24 18.75
CA CYS B 132 4.75 -16.05 19.09
C CYS B 132 5.66 -15.07 19.81
N SER B 133 5.73 -13.84 19.30
CA SER B 133 6.59 -12.81 19.84
C SER B 133 5.77 -11.79 20.62
N ILE B 134 6.20 -11.48 21.83
CA ILE B 134 5.54 -10.52 22.70
C ILE B 134 6.43 -9.29 22.82
N TYR B 135 5.85 -8.11 22.60
CA TYR B 135 6.58 -6.86 22.64
C TYR B 135 5.96 -5.94 23.70
N ASN B 136 6.83 -5.26 24.44
CA ASN B 136 6.41 -4.34 25.50
C ASN B 136 6.48 -2.91 24.98
N LEU B 137 5.36 -2.18 25.12
CA LEU B 137 5.28 -0.82 24.61
C LEU B 137 5.59 0.24 25.66
N LYS B 138 5.46 -0.09 26.94
CA LYS B 138 5.65 0.86 28.04
C LYS B 138 6.95 0.59 28.79
N THR B 139 7.99 0.18 28.07
CA THR B 139 9.28 -0.06 28.69
C THR B 139 9.94 1.26 29.10
N ARG B 140 10.76 1.20 30.14
CA ARG B 140 11.44 2.40 30.62
C ARG B 140 12.48 2.90 29.63
N GLU B 141 13.13 1.99 28.90
CA GLU B 141 14.17 2.39 27.94
C GLU B 141 13.61 3.19 26.78
N GLY B 142 12.31 3.07 26.49
CA GLY B 142 11.68 3.85 25.44
C GLY B 142 11.67 3.21 24.07
N ASN B 143 12.34 2.08 23.89
CA ASN B 143 12.37 1.37 22.62
C ASN B 143 11.69 0.02 22.76
N VAL B 144 10.81 -0.30 21.81
CA VAL B 144 10.08 -1.57 21.86
C VAL B 144 11.06 -2.73 21.68
N ARG B 145 10.96 -3.70 22.57
CA ARG B 145 11.86 -4.85 22.57
C ARG B 145 11.06 -6.14 22.76
N VAL B 146 11.69 -7.26 22.43
CA VAL B 146 11.05 -8.55 22.58
C VAL B 146 10.93 -8.87 24.06
N SER B 147 9.71 -9.16 24.51
CA SER B 147 9.46 -9.50 25.90
C SER B 147 9.59 -11.00 26.15
N ARG B 148 8.97 -11.81 25.30
CA ARG B 148 9.02 -13.25 25.45
C ARG B 148 8.67 -13.90 24.12
N GLU B 149 9.37 -14.98 23.78
CA GLU B 149 9.14 -15.74 22.56
C GLU B 149 8.54 -17.09 22.94
N LEU B 150 7.38 -17.41 22.37
CA LEU B 150 6.65 -18.64 22.71
C LEU B 150 7.08 -19.74 21.76
N ALA B 151 7.77 -20.74 22.29
CA ALA B 151 8.23 -21.90 21.54
C ALA B 151 7.19 -23.02 21.61
N GLY B 152 7.60 -24.22 21.21
CA GLY B 152 6.73 -25.38 21.27
C GLY B 152 5.55 -25.33 20.33
N HIS B 153 5.80 -24.93 19.09
CA HIS B 153 4.79 -24.94 18.04
C HIS B 153 5.41 -25.54 16.79
N THR B 154 4.91 -26.70 16.37
CA THR B 154 5.40 -27.35 15.16
C THR B 154 4.64 -26.92 13.91
N GLY B 155 3.70 -25.98 14.04
CA GLY B 155 2.98 -25.47 12.89
C GLY B 155 2.88 -23.96 12.96
N TYR B 156 2.56 -23.37 11.80
CA TYR B 156 2.47 -21.92 11.70
C TYR B 156 1.33 -21.38 12.55
N LEU B 157 1.58 -20.27 13.23
CA LEU B 157 0.59 -19.62 14.07
C LEU B 157 -0.15 -18.58 13.22
N SER B 158 -1.48 -18.62 13.25
CA SER B 158 -2.29 -17.77 12.38
C SER B 158 -3.25 -16.85 13.13
N CYS B 159 -3.40 -17.00 14.44
CA CYS B 159 -4.30 -16.14 15.20
C CYS B 159 -3.92 -16.19 16.67
N CYS B 160 -3.75 -15.01 17.27
CA CYS B 160 -3.45 -14.89 18.69
C CYS B 160 -4.28 -13.77 19.28
N ARG B 161 -4.81 -13.99 20.48
CA ARG B 161 -5.61 -13.00 21.18
C ARG B 161 -5.24 -12.99 22.65
N PHE B 162 -5.18 -11.80 23.23
CA PHE B 162 -4.81 -11.63 24.64
C PHE B 162 -6.03 -11.89 25.52
N LEU B 163 -5.98 -12.97 26.30
CA LEU B 163 -7.01 -13.19 27.31
C LEU B 163 -6.98 -12.12 28.37
N ASP B 164 -5.79 -11.75 28.83
CA ASP B 164 -5.59 -10.67 29.78
C ASP B 164 -4.14 -10.21 29.66
N ASP B 165 -3.69 -9.39 30.61
CA ASP B 165 -2.32 -8.88 30.58
C ASP B 165 -1.28 -9.98 30.77
N ASN B 166 -1.68 -11.15 31.25
CA ASN B 166 -0.75 -12.25 31.51
C ASN B 166 -1.07 -13.53 30.78
N GLN B 167 -2.32 -13.74 30.35
CA GLN B 167 -2.73 -14.96 29.67
C GLN B 167 -3.02 -14.66 28.20
N ILE B 168 -2.52 -15.52 27.32
CA ILE B 168 -2.75 -15.39 25.89
C ILE B 168 -3.23 -16.73 25.34
N VAL B 169 -3.97 -16.68 24.24
CA VAL B 169 -4.43 -17.86 23.54
C VAL B 169 -4.02 -17.74 22.08
N THR B 170 -3.47 -18.83 21.53
CA THR B 170 -2.94 -18.84 20.18
C THR B 170 -3.51 -20.00 19.39
N SER B 171 -3.81 -19.76 18.12
CA SER B 171 -4.26 -20.78 17.20
C SER B 171 -3.14 -21.11 16.23
N SER B 172 -2.72 -22.37 16.21
CA SER B 172 -1.60 -22.82 15.38
C SER B 172 -2.14 -23.64 14.21
N GLY B 173 -1.22 -24.04 13.33
CA GLY B 173 -1.57 -24.86 12.19
C GLY B 173 -1.38 -26.34 12.48
N ASP B 174 -1.30 -26.69 13.76
CA ASP B 174 -1.05 -28.07 14.19
C ASP B 174 -2.33 -28.80 14.56
N THR B 175 -3.47 -28.43 13.97
CA THR B 175 -4.78 -28.98 14.31
C THR B 175 -5.08 -28.84 15.79
N THR B 176 -4.62 -27.76 16.41
CA THR B 176 -4.82 -27.56 17.84
C THR B 176 -4.68 -26.08 18.18
N CYS B 177 -5.12 -25.74 19.40
CA CYS B 177 -4.95 -24.41 19.96
C CYS B 177 -4.28 -24.54 21.32
N ALA B 178 -3.59 -23.48 21.74
CA ALA B 178 -2.83 -23.50 22.97
C ALA B 178 -3.06 -22.22 23.76
N LEU B 179 -2.87 -22.32 25.08
CA LEU B 179 -2.95 -21.18 25.99
C LEU B 179 -1.61 -21.02 26.68
N TRP B 180 -1.09 -19.80 26.70
CA TRP B 180 0.23 -19.53 27.24
C TRP B 180 0.15 -18.44 28.30
N ASP B 181 1.02 -18.55 29.29
CA ASP B 181 1.17 -17.54 30.33
C ASP B 181 2.47 -16.77 30.08
N ILE B 182 2.38 -15.44 30.07
CA ILE B 182 3.55 -14.62 29.76
C ILE B 182 4.58 -14.70 30.88
N GLU B 183 4.13 -14.78 32.13
CA GLU B 183 5.06 -14.75 33.26
C GLU B 183 5.99 -15.94 33.26
N THR B 184 5.47 -17.14 32.98
CA THR B 184 6.28 -18.35 33.01
C THR B 184 6.71 -18.83 31.63
N GLY B 185 5.95 -18.50 30.58
CA GLY B 185 6.31 -18.91 29.24
C GLY B 185 6.04 -20.37 28.92
N GLN B 186 5.28 -21.07 29.75
CA GLN B 186 4.99 -22.48 29.56
C GLN B 186 3.52 -22.68 29.21
N GLN B 187 3.25 -23.66 28.36
CA GLN B 187 1.89 -23.95 27.96
C GLN B 187 1.05 -24.39 29.16
N THR B 188 -0.16 -23.85 29.26
CA THR B 188 -1.06 -24.19 30.35
C THR B 188 -2.00 -25.33 29.96
N THR B 189 -2.76 -25.17 28.88
CA THR B 189 -3.67 -26.18 28.40
C THR B 189 -3.61 -26.25 26.89
N THR B 190 -3.93 -27.42 26.35
CA THR B 190 -3.91 -27.66 24.91
C THR B 190 -5.26 -28.22 24.48
N PHE B 191 -5.76 -27.73 23.34
CA PHE B 191 -7.04 -28.15 22.79
C PHE B 191 -6.76 -28.87 21.47
N THR B 192 -6.80 -30.21 21.51
CA THR B 192 -6.44 -31.04 20.37
C THR B 192 -7.65 -31.71 19.73
N GLY B 193 -8.84 -31.12 19.88
CA GLY B 193 -10.04 -31.71 19.30
C GLY B 193 -10.27 -31.42 17.83
N HIS B 194 -9.42 -30.59 17.23
CA HIS B 194 -9.59 -30.23 15.82
C HIS B 194 -8.90 -31.25 14.92
N THR B 195 -9.62 -31.72 13.91
CA THR B 195 -9.06 -32.66 12.93
C THR B 195 -8.63 -31.98 11.65
N GLY B 196 -8.74 -30.64 11.56
CA GLY B 196 -8.31 -29.92 10.39
C GLY B 196 -7.60 -28.64 10.79
N ASP B 197 -6.93 -28.04 9.81
CA ASP B 197 -6.16 -26.82 10.08
C ASP B 197 -7.08 -25.71 10.53
N VAL B 198 -6.74 -25.09 11.66
CA VAL B 198 -7.56 -24.06 12.29
C VAL B 198 -6.86 -22.72 12.13
N MET B 199 -7.64 -21.70 11.77
CA MET B 199 -7.08 -20.36 11.56
C MET B 199 -7.89 -19.24 12.18
N SER B 200 -9.17 -19.44 12.47
CA SER B 200 -10.03 -18.39 13.01
C SER B 200 -10.21 -18.61 14.51
N LEU B 201 -10.07 -17.53 15.28
CA LEU B 201 -10.18 -17.62 16.73
C LEU B 201 -10.78 -16.32 17.26
N SER B 202 -11.86 -16.45 18.03
CA SER B 202 -12.55 -15.31 18.62
C SER B 202 -12.86 -15.62 20.08
N LEU B 203 -12.94 -14.56 20.89
CA LEU B 203 -13.17 -14.69 22.32
C LEU B 203 -14.43 -13.93 22.72
N ALA B 204 -15.19 -14.50 23.66
CA ALA B 204 -16.40 -13.87 24.14
C ALA B 204 -16.06 -12.66 24.99
N PRO B 205 -16.98 -11.69 25.08
CA PRO B 205 -16.71 -10.51 25.91
C PRO B 205 -16.45 -10.82 27.37
N ASP B 206 -17.03 -11.89 27.91
CA ASP B 206 -16.83 -12.25 29.30
C ASP B 206 -15.51 -12.96 29.56
N THR B 207 -14.71 -13.20 28.51
CA THR B 207 -13.43 -13.90 28.61
C THR B 207 -13.57 -15.24 29.33
N ARG B 208 -14.65 -15.96 29.00
CA ARG B 208 -14.91 -17.27 29.56
C ARG B 208 -14.96 -18.38 28.51
N LEU B 209 -15.45 -18.09 27.31
CA LEU B 209 -15.53 -19.06 26.24
C LEU B 209 -14.94 -18.47 24.96
N PHE B 210 -14.37 -19.33 24.12
CA PHE B 210 -13.81 -18.89 22.86
C PHE B 210 -14.05 -19.96 21.80
N VAL B 211 -14.36 -19.52 20.58
CA VAL B 211 -14.65 -20.41 19.48
C VAL B 211 -13.47 -20.45 18.52
N SER B 212 -13.46 -21.47 17.67
CA SER B 212 -12.41 -21.63 16.67
C SER B 212 -12.96 -22.45 15.52
N GLY B 213 -12.73 -21.97 14.30
CA GLY B 213 -13.15 -22.66 13.09
C GLY B 213 -11.95 -23.15 12.31
N ALA B 214 -12.01 -24.40 11.86
CA ALA B 214 -10.91 -25.05 11.19
C ALA B 214 -11.23 -25.26 9.71
N CYS B 215 -10.25 -25.83 8.99
CA CYS B 215 -10.40 -26.11 7.58
C CYS B 215 -11.38 -27.24 7.29
N ASP B 216 -11.77 -28.01 8.31
CA ASP B 216 -12.72 -29.09 8.15
C ASP B 216 -14.17 -28.61 8.13
N ALA B 217 -14.39 -27.31 7.92
CA ALA B 217 -15.73 -26.72 7.92
C ALA B 217 -16.46 -26.98 9.24
N SER B 218 -15.71 -26.95 10.34
CA SER B 218 -16.26 -27.19 11.67
C SER B 218 -15.80 -26.10 12.63
N ALA B 219 -16.74 -25.51 13.35
CA ALA B 219 -16.45 -24.52 14.38
C ALA B 219 -16.94 -25.08 15.71
N LYS B 220 -16.08 -25.00 16.73
CA LYS B 220 -16.37 -25.59 18.02
C LYS B 220 -16.03 -24.61 19.13
N LEU B 221 -16.71 -24.79 20.26
CA LEU B 221 -16.53 -23.95 21.44
C LEU B 221 -15.64 -24.66 22.46
N TRP B 222 -14.70 -23.91 23.04
CA TRP B 222 -13.77 -24.43 24.02
C TRP B 222 -13.87 -23.64 25.31
N ASP B 223 -13.33 -24.22 26.38
CA ASP B 223 -13.31 -23.59 27.70
C ASP B 223 -11.91 -23.12 28.04
N VAL B 224 -11.83 -22.05 28.83
CA VAL B 224 -10.54 -21.46 29.18
C VAL B 224 -9.77 -22.39 30.13
N ARG B 225 -10.43 -22.92 31.15
CA ARG B 225 -9.77 -23.73 32.16
C ARG B 225 -10.18 -25.20 32.11
N GLU B 226 -11.41 -25.51 31.70
CA GLU B 226 -11.83 -26.89 31.63
C GLU B 226 -11.07 -27.65 30.53
N GLY B 227 -10.96 -27.06 29.35
CA GLY B 227 -10.08 -27.60 28.33
C GLY B 227 -10.57 -28.78 27.52
N MET B 228 -11.85 -28.81 27.15
CA MET B 228 -12.32 -29.70 26.10
C MET B 228 -13.50 -29.04 25.40
N CYS B 229 -13.74 -29.48 24.17
CA CYS B 229 -14.81 -28.92 23.36
C CYS B 229 -16.17 -29.20 23.97
N ARG B 230 -17.05 -28.20 23.93
CA ARG B 230 -18.41 -28.32 24.43
C ARG B 230 -19.43 -28.55 23.34
N GLN B 231 -19.42 -27.74 22.28
CA GLN B 231 -20.35 -27.89 21.17
C GLN B 231 -19.59 -27.80 19.86
N THR B 232 -20.13 -28.43 18.81
CA THR B 232 -19.51 -28.44 17.49
C THR B 232 -20.56 -28.11 16.45
N PHE B 233 -20.19 -27.27 15.49
CA PHE B 233 -21.05 -26.89 14.39
C PHE B 233 -20.38 -27.26 13.08
N THR B 234 -21.12 -27.89 12.18
CA THR B 234 -20.59 -28.39 10.90
C THR B 234 -21.52 -28.00 9.75
N GLY B 235 -21.93 -26.74 9.73
CA GLY B 235 -22.82 -26.27 8.68
C GLY B 235 -22.09 -25.75 7.45
N HIS B 236 -20.78 -25.54 7.57
CA HIS B 236 -20.00 -25.00 6.46
C HIS B 236 -19.61 -26.10 5.49
N GLU B 237 -19.11 -25.68 4.32
CA GLU B 237 -18.72 -26.61 3.26
C GLU B 237 -17.24 -26.59 2.93
N SER B 238 -16.52 -25.54 3.31
CA SER B 238 -15.10 -25.42 2.96
C SER B 238 -14.35 -24.87 4.17
N ASP B 239 -13.11 -24.45 3.95
CA ASP B 239 -12.27 -23.97 5.03
C ASP B 239 -12.85 -22.71 5.67
N ILE B 240 -12.78 -22.64 6.99
CA ILE B 240 -13.25 -21.48 7.75
C ILE B 240 -12.10 -20.50 7.84
N ASN B 241 -12.29 -19.29 7.32
CA ASN B 241 -11.24 -18.29 7.33
C ASN B 241 -11.31 -17.38 8.54
N ALA B 242 -12.51 -16.93 8.89
CA ALA B 242 -12.68 -15.97 9.97
C ALA B 242 -13.83 -16.39 10.87
N ILE B 243 -13.76 -15.93 12.13
CA ILE B 243 -14.82 -16.18 13.10
C ILE B 243 -14.82 -15.00 14.06
N CYS B 244 -16.01 -14.68 14.59
CA CYS B 244 -16.14 -13.55 15.50
C CYS B 244 -17.37 -13.76 16.38
N PHE B 245 -17.31 -13.20 17.58
CA PHE B 245 -18.38 -13.35 18.57
C PHE B 245 -19.38 -12.22 18.45
N PHE B 246 -20.65 -12.54 18.65
CA PHE B 246 -21.70 -11.53 18.71
C PHE B 246 -21.54 -10.72 20.00
N PRO B 247 -21.92 -9.43 19.99
CA PRO B 247 -21.77 -8.60 21.19
C PRO B 247 -22.42 -9.19 22.43
N ASN B 248 -23.58 -9.85 22.26
CA ASN B 248 -24.27 -10.46 23.39
C ASN B 248 -23.42 -11.57 24.01
N GLY B 249 -22.77 -12.37 23.18
CA GLY B 249 -21.94 -13.46 23.64
C GLY B 249 -22.57 -14.83 23.54
N ASN B 250 -23.87 -14.90 23.25
CA ASN B 250 -24.57 -16.18 23.10
C ASN B 250 -24.59 -16.68 21.66
N ALA B 251 -23.93 -15.98 20.74
CA ALA B 251 -23.92 -16.37 19.34
C ALA B 251 -22.62 -15.90 18.70
N PHE B 252 -22.33 -16.47 17.54
CA PHE B 252 -21.15 -16.11 16.77
C PHE B 252 -21.41 -16.30 15.29
N ALA B 253 -20.65 -15.59 14.46
CA ALA B 253 -20.75 -15.68 13.02
C ALA B 253 -19.37 -16.00 12.43
N THR B 254 -19.37 -16.71 11.31
CA THR B 254 -18.14 -17.14 10.67
C THR B 254 -18.28 -17.08 9.16
N GLY B 255 -17.14 -16.99 8.48
CA GLY B 255 -17.11 -17.00 7.03
C GLY B 255 -16.23 -18.10 6.49
N SER B 256 -16.39 -18.43 5.21
CA SER B 256 -15.63 -19.53 4.60
C SER B 256 -15.22 -19.14 3.19
N ASP B 257 -14.39 -19.99 2.59
CA ASP B 257 -13.94 -19.79 1.21
C ASP B 257 -15.03 -20.06 0.18
N ASP B 258 -16.14 -20.69 0.59
CA ASP B 258 -17.24 -21.02 -0.31
C ASP B 258 -18.29 -19.91 -0.44
N ALA B 259 -17.93 -18.67 -0.09
CA ALA B 259 -18.74 -17.49 -0.38
C ALA B 259 -20.11 -17.51 0.31
N THR B 260 -20.10 -17.84 1.60
CA THR B 260 -21.31 -17.68 2.41
C THR B 260 -20.91 -17.45 3.86
N CYS B 261 -21.70 -16.61 4.54
CA CYS B 261 -21.51 -16.33 5.95
C CYS B 261 -22.62 -17.00 6.76
N ARG B 262 -22.24 -17.62 7.86
CA ARG B 262 -23.16 -18.40 8.68
C ARG B 262 -23.12 -17.93 10.13
N LEU B 263 -24.29 -17.87 10.75
CA LEU B 263 -24.45 -17.46 12.13
C LEU B 263 -24.92 -18.64 12.97
N PHE B 264 -24.26 -18.86 14.11
CA PHE B 264 -24.58 -19.97 14.98
C PHE B 264 -24.89 -19.45 16.38
N ASP B 265 -25.73 -20.17 17.10
CA ASP B 265 -26.12 -19.82 18.46
C ASP B 265 -25.60 -20.89 19.42
N LEU B 266 -24.89 -20.44 20.46
CA LEU B 266 -24.34 -21.36 21.45
C LEU B 266 -25.41 -22.09 22.25
N ARG B 267 -26.42 -21.38 22.73
CA ARG B 267 -27.49 -21.99 23.51
C ARG B 267 -28.36 -22.91 22.66
N ALA B 268 -28.68 -22.51 21.43
CA ALA B 268 -29.46 -23.35 20.54
C ALA B 268 -28.66 -24.51 19.96
N ASP B 269 -27.33 -24.34 19.84
CA ASP B 269 -26.46 -25.36 19.24
C ASP B 269 -26.95 -25.74 17.85
N GLN B 270 -27.25 -24.71 17.05
CA GLN B 270 -27.85 -24.91 15.74
C GLN B 270 -27.34 -23.85 14.76
N GLU B 271 -27.45 -24.17 13.48
CA GLU B 271 -27.36 -23.17 12.44
C GLU B 271 -28.51 -22.18 12.59
N LEU B 272 -28.20 -20.89 12.49
CA LEU B 272 -29.19 -19.82 12.60
C LEU B 272 -29.03 -18.91 11.39
N MET B 273 -29.67 -19.31 10.28
CA MET B 273 -29.76 -18.55 9.02
C MET B 273 -28.37 -18.32 8.40
N THR B 274 -28.35 -17.98 7.11
CA THR B 274 -27.09 -17.84 6.39
C THR B 274 -27.13 -16.59 5.51
N TYR B 275 -25.93 -16.08 5.21
CA TYR B 275 -25.77 -14.89 4.39
C TYR B 275 -25.00 -15.27 3.14
N SER B 276 -25.63 -15.11 1.98
CA SER B 276 -25.01 -15.44 0.70
C SER B 276 -25.79 -14.75 -0.41
N HIS B 277 -25.16 -14.67 -1.58
CA HIS B 277 -25.81 -14.09 -2.75
C HIS B 277 -25.25 -14.76 -4.00
N ASP B 278 -26.00 -14.66 -5.09
CA ASP B 278 -25.58 -15.25 -6.35
C ASP B 278 -24.57 -14.38 -7.09
N ASN B 279 -24.39 -13.14 -6.67
CA ASN B 279 -23.53 -12.20 -7.39
C ASN B 279 -22.07 -12.23 -6.95
N ILE B 280 -21.74 -12.95 -5.89
CA ILE B 280 -20.36 -13.05 -5.42
C ILE B 280 -19.93 -14.51 -5.36
N ILE B 281 -18.71 -14.78 -5.82
CA ILE B 281 -18.15 -16.12 -5.83
C ILE B 281 -16.97 -16.25 -4.86
N CYS B 282 -16.21 -15.18 -4.64
CA CYS B 282 -15.04 -15.24 -3.78
C CYS B 282 -15.44 -15.47 -2.32
N GLY B 283 -14.55 -16.13 -1.58
CA GLY B 283 -14.80 -16.44 -0.19
C GLY B 283 -14.59 -15.25 0.74
N ILE B 284 -14.95 -15.47 2.00
CA ILE B 284 -14.84 -14.45 3.04
C ILE B 284 -13.50 -14.59 3.72
N THR B 285 -12.84 -13.46 3.98
CA THR B 285 -11.57 -13.43 4.68
C THR B 285 -11.67 -12.99 6.13
N SER B 286 -12.40 -11.90 6.41
CA SER B 286 -12.54 -11.39 7.76
C SER B 286 -14.02 -11.21 8.08
N VAL B 287 -14.37 -11.43 9.34
CA VAL B 287 -15.74 -11.31 9.83
C VAL B 287 -15.71 -10.55 11.15
N SER B 288 -16.59 -9.54 11.27
CA SER B 288 -16.69 -8.78 12.52
C SER B 288 -18.08 -8.16 12.59
N PHE B 289 -18.56 -7.99 13.82
CA PHE B 289 -19.84 -7.37 14.10
C PHE B 289 -19.66 -5.91 14.50
N SER B 290 -20.78 -5.19 14.53
CA SER B 290 -20.79 -3.83 15.05
C SER B 290 -20.93 -3.87 16.57
N LYS B 291 -21.05 -2.68 17.18
CA LYS B 291 -21.20 -2.62 18.62
C LYS B 291 -22.51 -3.26 19.08
N SER B 292 -23.60 -2.97 18.37
CA SER B 292 -24.89 -3.54 18.69
C SER B 292 -25.15 -4.87 17.98
N GLY B 293 -24.31 -5.25 17.03
CA GLY B 293 -24.46 -6.51 16.33
C GLY B 293 -25.50 -6.51 15.22
N ARG B 294 -26.17 -5.39 14.98
CA ARG B 294 -27.16 -5.34 13.91
C ARG B 294 -26.52 -5.51 12.54
N LEU B 295 -25.37 -4.87 12.32
CA LEU B 295 -24.67 -4.91 11.05
C LEU B 295 -23.48 -5.86 11.15
N LEU B 296 -23.41 -6.81 10.23
CA LEU B 296 -22.28 -7.73 10.14
C LEU B 296 -21.40 -7.30 8.96
N LEU B 297 -20.12 -7.09 9.24
CA LEU B 297 -19.17 -6.64 8.25
C LEU B 297 -18.22 -7.79 7.92
N ALA B 298 -18.24 -8.23 6.66
CA ALA B 298 -17.45 -9.38 6.22
C ALA B 298 -16.60 -8.99 5.01
N GLY B 299 -15.35 -9.43 5.01
CA GLY B 299 -14.48 -9.18 3.88
C GLY B 299 -14.68 -10.20 2.78
N TYR B 300 -14.07 -9.91 1.63
CA TYR B 300 -14.15 -10.78 0.47
C TYR B 300 -12.87 -10.67 -0.34
N ASP B 301 -12.65 -11.66 -1.20
CA ASP B 301 -11.41 -11.72 -1.98
C ASP B 301 -11.46 -10.83 -3.22
N ASP B 302 -12.60 -10.21 -3.52
CA ASP B 302 -12.68 -9.27 -4.63
C ASP B 302 -12.22 -7.89 -4.16
N PHE B 303 -12.45 -6.87 -4.97
CA PHE B 303 -11.98 -5.52 -4.70
C PHE B 303 -13.02 -4.68 -3.95
N ASN B 304 -14.16 -5.26 -3.59
CA ASN B 304 -15.21 -4.54 -2.87
C ASN B 304 -15.59 -5.31 -1.62
N CYS B 305 -15.77 -4.58 -0.52
CA CYS B 305 -16.16 -5.17 0.74
C CYS B 305 -17.66 -5.01 0.95
N ASN B 306 -18.33 -6.10 1.30
CA ASN B 306 -19.77 -6.11 1.45
C ASN B 306 -20.15 -6.41 2.90
N VAL B 307 -21.02 -5.59 3.47
CA VAL B 307 -21.51 -5.77 4.82
C VAL B 307 -22.96 -6.24 4.74
N TRP B 308 -23.38 -7.00 5.74
CA TRP B 308 -24.69 -7.64 5.75
C TRP B 308 -25.46 -7.28 7.01
N ASP B 309 -26.78 -7.34 6.90
CA ASP B 309 -27.67 -7.21 8.05
C ASP B 309 -27.69 -8.56 8.78
N ALA B 310 -27.29 -8.56 10.05
CA ALA B 310 -27.19 -9.80 10.80
C ALA B 310 -28.55 -10.46 11.01
N LEU B 311 -29.64 -9.70 10.92
CA LEU B 311 -30.97 -10.23 11.15
C LEU B 311 -31.82 -10.32 9.87
N LYS B 312 -31.43 -9.64 8.80
CA LYS B 312 -32.21 -9.62 7.58
C LYS B 312 -31.48 -10.17 6.36
N ALA B 313 -30.16 -10.36 6.44
CA ALA B 313 -29.33 -10.82 5.33
C ALA B 313 -29.41 -9.91 4.12
N ASP B 314 -29.69 -8.62 4.34
CA ASP B 314 -29.78 -7.67 3.25
C ASP B 314 -28.44 -6.97 3.02
N ARG B 315 -28.18 -6.60 1.77
CA ARG B 315 -26.93 -5.95 1.40
C ARG B 315 -26.96 -4.52 1.92
N ALA B 316 -26.40 -4.31 3.11
CA ALA B 316 -26.44 -2.99 3.72
C ALA B 316 -25.45 -2.04 3.05
N GLY B 317 -24.27 -2.52 2.72
CA GLY B 317 -23.25 -1.67 2.13
C GLY B 317 -22.40 -2.43 1.14
N VAL B 318 -21.97 -1.73 0.10
CA VAL B 318 -21.13 -2.30 -0.95
C VAL B 318 -19.84 -1.47 -1.03
N LEU B 319 -19.38 -0.99 0.12
CA LEU B 319 -18.23 -0.08 0.16
C LEU B 319 -17.01 -0.72 -0.49
N ALA B 320 -16.30 0.07 -1.28
CA ALA B 320 -15.10 -0.38 -1.97
C ALA B 320 -14.05 0.72 -1.87
N GLY B 321 -12.91 0.51 -2.52
CA GLY B 321 -11.84 1.48 -2.50
C GLY B 321 -10.47 0.86 -2.40
N HIS B 322 -10.42 -0.47 -2.33
CA HIS B 322 -9.16 -1.20 -2.20
C HIS B 322 -8.81 -1.83 -3.55
N ASP B 323 -7.57 -1.63 -4.00
CA ASP B 323 -7.14 -2.16 -5.28
C ASP B 323 -6.91 -3.67 -5.24
N ASN B 324 -6.77 -4.25 -4.05
CA ASN B 324 -6.55 -5.68 -3.89
C ASN B 324 -7.58 -6.23 -2.92
N ARG B 325 -7.52 -7.54 -2.68
CA ARG B 325 -8.43 -8.18 -1.74
C ARG B 325 -8.15 -7.70 -0.32
N VAL B 326 -9.20 -7.60 0.48
CA VAL B 326 -9.05 -7.23 1.88
C VAL B 326 -8.63 -8.46 2.67
N SER B 327 -7.72 -8.26 3.63
CA SER B 327 -7.20 -9.36 4.43
C SER B 327 -7.49 -9.23 5.92
N CYS B 328 -7.99 -8.08 6.36
CA CYS B 328 -8.22 -7.84 7.78
C CYS B 328 -9.29 -6.78 7.95
N LEU B 329 -10.09 -6.92 9.01
CA LEU B 329 -11.17 -6.00 9.29
C LEU B 329 -11.43 -6.00 10.79
N GLY B 330 -11.80 -4.83 11.32
CA GLY B 330 -12.06 -4.71 12.74
C GLY B 330 -12.90 -3.49 13.09
N VAL B 331 -13.73 -3.62 14.11
CA VAL B 331 -14.62 -2.55 14.56
C VAL B 331 -14.20 -2.14 15.97
N THR B 332 -14.19 -0.83 16.21
CA THR B 332 -13.77 -0.30 17.50
C THR B 332 -14.71 -0.76 18.61
N ASP B 333 -14.20 -0.72 19.85
CA ASP B 333 -14.99 -1.16 20.99
C ASP B 333 -16.23 -0.30 21.19
N ASP B 334 -16.11 1.01 21.01
CA ASP B 334 -17.24 1.92 21.16
C ASP B 334 -18.14 1.95 19.93
N GLY B 335 -17.74 1.31 18.84
CA GLY B 335 -18.53 1.33 17.63
C GLY B 335 -18.53 2.63 16.88
N MET B 336 -17.51 3.46 17.08
CA MET B 336 -17.46 4.74 16.38
C MET B 336 -17.09 4.58 14.91
N ALA B 337 -16.17 3.67 14.60
CA ALA B 337 -15.70 3.52 13.23
C ALA B 337 -15.19 2.10 13.05
N VAL B 338 -15.03 1.71 11.78
CA VAL B 338 -14.52 0.40 11.39
C VAL B 338 -13.32 0.61 10.47
N ALA B 339 -12.24 -0.12 10.75
CA ALA B 339 -11.01 -0.02 9.96
C ALA B 339 -10.81 -1.32 9.18
N THR B 340 -10.48 -1.19 7.90
CA THR B 340 -10.24 -2.34 7.03
C THR B 340 -8.87 -2.20 6.38
N GLY B 341 -8.25 -3.34 6.12
CA GLY B 341 -6.95 -3.36 5.46
C GLY B 341 -6.90 -4.42 4.38
N SER B 342 -6.21 -4.10 3.29
CA SER B 342 -6.12 -4.97 2.14
C SER B 342 -4.66 -5.27 1.83
N TRP B 343 -4.43 -5.96 0.71
CA TRP B 343 -3.09 -6.35 0.29
C TRP B 343 -2.35 -5.26 -0.45
N ASP B 344 -2.99 -4.11 -0.70
CA ASP B 344 -2.36 -3.00 -1.39
C ASP B 344 -1.63 -2.05 -0.45
N SER B 345 -1.32 -2.50 0.77
CA SER B 345 -0.63 -1.72 1.78
C SER B 345 -1.39 -0.46 2.17
N PHE B 346 -2.72 -0.46 2.02
CA PHE B 346 -3.56 0.68 2.33
C PHE B 346 -4.55 0.32 3.42
N LEU B 347 -4.72 1.22 4.37
CA LEU B 347 -5.70 1.07 5.44
C LEU B 347 -6.74 2.18 5.33
N LYS B 348 -8.00 1.82 5.52
CA LYS B 348 -9.12 2.75 5.39
C LYS B 348 -9.92 2.79 6.67
N ILE B 349 -10.33 3.99 7.08
CA ILE B 349 -11.18 4.20 8.24
C ILE B 349 -12.54 4.67 7.75
N TRP B 350 -13.59 3.94 8.12
CA TRP B 350 -14.95 4.24 7.68
C TRP B 350 -15.81 4.61 8.88
N ASN B 351 -16.55 5.70 8.75
CA ASN B 351 -17.44 6.16 9.81
C ASN B 351 -18.88 5.75 9.54
N VAL C 39 19.36 3.79 32.96
CA VAL C 39 18.78 5.09 32.69
C VAL C 39 19.34 6.12 33.68
N GLN C 40 20.30 6.92 33.20
CA GLN C 40 20.91 7.94 34.04
C GLN C 40 21.47 9.03 33.14
N LEU C 41 21.66 10.21 33.74
CA LEU C 41 22.22 11.37 33.04
C LEU C 41 23.33 11.96 33.89
N VAL C 42 24.48 12.23 33.26
CA VAL C 42 25.65 12.77 33.94
C VAL C 42 26.08 14.04 33.23
N GLU C 43 26.25 15.11 33.99
CA GLU C 43 26.67 16.40 33.46
C GLU C 43 28.13 16.65 33.81
N SER C 44 28.78 17.45 32.98
CA SER C 44 30.19 17.78 33.15
C SER C 44 30.36 19.29 32.98
N GLY C 45 31.61 19.74 32.95
CA GLY C 45 31.87 21.16 32.80
C GLY C 45 31.53 21.93 34.06
N GLY C 46 30.98 23.13 33.88
CA GLY C 46 30.63 23.96 35.00
C GLY C 46 31.85 24.58 35.67
N GLY C 47 31.64 25.01 36.92
CA GLY C 47 32.71 25.63 37.68
C GLY C 47 32.60 27.14 37.73
N LEU C 48 33.74 27.81 37.90
CA LEU C 48 33.78 29.27 37.98
C LEU C 48 34.21 29.82 36.63
N VAL C 49 33.39 30.68 36.05
CA VAL C 49 33.64 31.28 34.75
C VAL C 49 33.58 32.80 34.89
N GLN C 50 34.57 33.49 34.35
CA GLN C 50 34.57 34.94 34.37
C GLN C 50 33.44 35.48 33.48
N PRO C 51 32.86 36.63 33.85
CA PRO C 51 31.79 37.20 33.01
C PRO C 51 32.28 37.46 31.59
N GLY C 52 31.40 37.21 30.62
CA GLY C 52 31.73 37.38 29.23
C GLY C 52 32.49 36.24 28.61
N GLY C 53 32.80 35.18 29.36
CA GLY C 53 33.53 34.05 28.83
C GLY C 53 32.66 33.08 28.07
N SER C 54 33.32 32.10 27.44
CA SER C 54 32.66 31.08 26.65
C SER C 54 33.10 29.70 27.09
N ARG C 55 32.14 28.77 27.12
CA ARG C 55 32.42 27.39 27.50
C ARG C 55 31.36 26.49 26.89
N LYS C 56 31.64 25.18 26.92
CA LYS C 56 30.76 24.17 26.36
C LYS C 56 30.32 23.23 27.47
N LEU C 57 29.03 22.93 27.52
CA LEU C 57 28.47 21.99 28.48
C LEU C 57 28.06 20.71 27.78
N SER C 58 28.51 19.57 28.29
CA SER C 58 28.24 18.27 27.70
C SER C 58 27.62 17.36 28.75
N CYS C 59 26.55 16.66 28.37
CA CYS C 59 25.87 15.70 29.23
C CYS C 59 25.87 14.34 28.55
N SER C 60 26.07 13.28 29.34
CA SER C 60 26.15 11.92 28.83
C SER C 60 24.91 11.15 29.24
N ALA C 61 24.31 10.45 28.28
CA ALA C 61 23.10 9.66 28.52
C ALA C 61 23.40 8.19 28.28
N SER C 62 22.87 7.34 29.16
CA SER C 62 23.05 5.90 29.05
C SER C 62 21.80 5.19 29.55
N GLY C 63 21.62 3.95 29.10
CA GLY C 63 20.50 3.14 29.51
C GLY C 63 19.24 3.31 28.69
N PHE C 64 19.24 4.20 27.69
CA PHE C 64 18.06 4.41 26.87
C PHE C 64 18.49 4.95 25.52
N ALA C 65 17.57 4.88 24.56
CA ALA C 65 17.85 5.32 23.19
C ALA C 65 17.81 6.85 23.13
N PHE C 66 18.97 7.47 22.96
CA PHE C 66 19.05 8.92 22.91
C PHE C 66 18.43 9.44 21.62
N SER C 67 18.63 8.72 20.51
CA SER C 67 18.19 9.21 19.20
C SER C 67 16.68 9.43 19.16
N SER C 68 15.90 8.55 19.79
CA SER C 68 14.45 8.68 19.78
C SER C 68 13.91 9.60 20.87
N PHE C 69 14.78 10.15 21.72
CA PHE C 69 14.36 10.97 22.85
C PHE C 69 14.80 12.41 22.64
N GLY C 70 13.85 13.34 22.77
CA GLY C 70 14.19 14.75 22.76
C GLY C 70 14.76 15.21 24.09
N MET C 71 15.48 16.32 24.05
CA MET C 71 16.17 16.85 25.22
C MET C 71 15.77 18.29 25.48
N HIS C 72 15.65 18.63 26.76
CA HIS C 72 15.34 19.98 27.19
C HIS C 72 16.38 20.45 28.20
N TRP C 73 16.64 21.76 28.20
CA TRP C 73 17.51 22.39 29.18
C TRP C 73 16.67 23.32 30.04
N VAL C 74 16.74 23.13 31.36
CA VAL C 74 15.96 23.92 32.31
C VAL C 74 16.91 24.51 33.33
N ARG C 75 16.78 25.81 33.57
CA ARG C 75 17.64 26.54 34.51
C ARG C 75 16.92 26.75 35.83
N GLN C 76 17.64 26.52 36.93
CA GLN C 76 17.13 26.69 38.28
C GLN C 76 17.98 27.74 38.99
N ALA C 77 17.45 28.96 39.10
CA ALA C 77 18.13 29.99 39.86
C ALA C 77 18.12 29.63 41.35
N PRO C 78 19.20 29.94 42.08
CA PRO C 78 19.22 29.62 43.51
C PRO C 78 18.12 30.37 44.25
N GLU C 79 17.44 29.64 45.14
CA GLU C 79 16.32 30.14 45.95
C GLU C 79 15.17 30.68 45.10
N LYS C 80 15.13 30.35 43.81
CA LYS C 80 14.09 30.80 42.90
C LYS C 80 13.51 29.59 42.18
N GLY C 81 12.56 29.84 41.28
CA GLY C 81 11.92 28.79 40.52
C GLY C 81 12.73 28.38 39.30
N LEU C 82 12.28 27.29 38.68
CA LEU C 82 12.89 26.76 37.47
C LEU C 82 12.48 27.59 36.26
N GLU C 83 13.21 27.41 35.16
CA GLU C 83 12.91 28.12 33.93
C GLU C 83 13.54 27.38 32.75
N TRP C 84 12.78 27.27 31.66
CA TRP C 84 13.25 26.58 30.47
C TRP C 84 14.28 27.42 29.72
N VAL C 85 15.20 26.75 29.03
CA VAL C 85 16.28 27.43 28.33
C VAL C 85 16.25 27.12 26.84
N ALA C 86 16.40 25.84 26.49
CA ALA C 86 16.53 25.45 25.09
C ALA C 86 16.00 24.03 24.91
N TYR C 87 15.79 23.65 23.65
CA TYR C 87 15.26 22.34 23.31
C TYR C 87 15.84 21.90 21.98
N ILE C 88 16.03 20.58 21.85
CA ILE C 88 16.44 19.97 20.60
C ILE C 88 15.56 18.76 20.35
N SER C 89 15.10 18.59 19.12
CA SER C 89 14.20 17.50 18.77
C SER C 89 14.98 16.28 18.29
N SER C 90 14.27 15.17 18.14
CA SER C 90 14.89 13.94 17.67
C SER C 90 15.35 14.11 16.22
N GLY C 91 16.60 13.75 15.96
CA GLY C 91 17.19 13.96 14.64
C GLY C 91 17.66 15.38 14.37
N SER C 92 17.60 16.26 15.38
CA SER C 92 18.04 17.65 15.26
C SER C 92 17.26 18.42 14.20
N GLY C 93 16.02 18.01 13.94
CA GLY C 93 15.21 18.68 12.94
C GLY C 93 14.45 19.90 13.40
N THR C 94 14.32 20.08 14.72
CA THR C 94 13.59 21.21 15.27
C THR C 94 14.26 21.65 16.57
N ILE C 95 14.51 22.95 16.68
CA ILE C 95 15.20 23.52 17.83
C ILE C 95 14.48 24.79 18.27
N TYR C 96 14.27 24.94 19.57
CA TYR C 96 13.68 26.14 20.15
C TYR C 96 14.62 26.72 21.20
N TYR C 97 14.49 28.03 21.40
CA TYR C 97 15.21 28.73 22.45
C TYR C 97 14.26 29.69 23.16
N ALA C 98 14.57 29.99 24.41
CA ALA C 98 13.80 30.97 25.17
C ALA C 98 14.10 32.37 24.66
N ASP C 99 13.11 33.27 24.81
CA ASP C 99 13.29 34.64 24.35
C ASP C 99 14.40 35.35 25.11
N THR C 100 14.64 34.96 26.36
CA THR C 100 15.74 35.53 27.14
C THR C 100 17.09 35.21 26.52
N VAL C 101 17.29 33.99 26.03
CA VAL C 101 18.58 33.55 25.52
C VAL C 101 18.50 33.28 24.03
N LYS C 102 17.52 33.89 23.37
CA LYS C 102 17.36 33.70 21.93
C LYS C 102 18.50 34.38 21.17
N GLY C 103 19.07 33.65 20.22
CA GLY C 103 20.16 34.19 19.42
C GLY C 103 21.48 34.29 20.14
N ARG C 104 21.62 33.69 21.31
CA ARG C 104 22.83 33.78 22.10
C ARG C 104 23.45 32.42 22.42
N PHE C 105 22.63 31.41 22.68
CA PHE C 105 23.09 30.07 22.98
C PHE C 105 22.71 29.12 21.85
N THR C 106 23.52 28.09 21.66
CA THR C 106 23.25 27.06 20.67
C THR C 106 23.32 25.67 21.32
N ILE C 107 22.57 24.74 20.73
CA ILE C 107 22.46 23.38 21.26
C ILE C 107 22.68 22.40 20.12
N SER C 108 23.32 21.27 20.42
CA SER C 108 23.56 20.23 19.43
C SER C 108 23.63 18.88 20.13
N ARG C 109 23.43 17.82 19.35
CA ARG C 109 23.43 16.46 19.86
C ARG C 109 24.27 15.58 18.95
N ASP C 110 24.83 14.53 19.54
CA ASP C 110 25.67 13.57 18.81
C ASP C 110 25.13 12.17 19.09
N ASP C 111 24.35 11.64 18.15
CA ASP C 111 23.76 10.32 18.32
C ASP C 111 24.79 9.20 18.45
N PRO C 112 25.85 9.12 17.61
CA PRO C 112 26.78 7.98 17.74
C PRO C 112 27.42 7.86 19.12
N LYS C 113 27.76 8.97 19.76
CA LYS C 113 28.37 8.96 21.09
C LYS C 113 27.41 9.44 22.17
N ASN C 114 26.09 9.42 21.87
CA ASN C 114 24.98 9.70 22.78
C ASN C 114 25.29 10.77 23.84
N THR C 115 25.85 11.89 23.40
CA THR C 115 26.17 13.00 24.29
C THR C 115 25.58 14.29 23.72
N LEU C 116 24.98 15.09 24.60
CA LEU C 116 24.33 16.34 24.22
C LEU C 116 25.28 17.50 24.48
N PHE C 117 25.38 18.42 23.51
CA PHE C 117 26.27 19.57 23.59
C PHE C 117 25.48 20.85 23.79
N LEU C 118 25.93 21.68 24.74
CA LEU C 118 25.41 23.03 24.93
C LEU C 118 26.58 23.99 25.00
N GLN C 119 26.51 25.07 24.23
CA GLN C 119 27.60 26.04 24.13
C GLN C 119 27.18 27.35 24.79
N MET C 120 28.06 27.90 25.60
CA MET C 120 27.83 29.16 26.31
C MET C 120 28.64 30.24 25.63
N THR C 121 27.98 31.34 25.25
CA THR C 121 28.64 32.43 24.54
C THR C 121 28.99 33.59 25.47
N SER C 122 27.98 34.17 26.13
CA SER C 122 28.17 35.27 27.05
C SER C 122 27.50 34.93 28.38
N LEU C 123 28.18 35.23 29.48
CA LEU C 123 27.67 34.95 30.81
C LEU C 123 27.58 36.25 31.61
N ARG C 124 26.50 36.39 32.37
CA ARG C 124 26.24 37.58 33.17
C ARG C 124 25.88 37.15 34.59
N SER C 125 25.52 38.13 35.42
CA SER C 125 25.19 37.85 36.81
C SER C 125 23.95 36.97 36.91
N GLU C 126 22.94 37.23 36.09
CA GLU C 126 21.71 36.44 36.14
C GLU C 126 21.86 35.09 35.45
N ASP C 127 22.92 34.90 34.67
CA ASP C 127 23.07 33.66 33.91
C ASP C 127 23.39 32.47 34.81
N THR C 128 24.14 32.68 35.88
CA THR C 128 24.52 31.58 36.75
C THR C 128 23.31 31.01 37.47
N ALA C 129 23.16 29.68 37.44
CA ALA C 129 22.02 28.99 38.04
C ALA C 129 22.30 27.49 37.98
N MET C 130 21.30 26.71 38.40
CA MET C 130 21.42 25.24 38.32
C MET C 130 20.85 24.83 36.98
N TYR C 131 21.61 24.07 36.23
CA TYR C 131 21.25 23.62 34.90
C TYR C 131 20.97 22.13 34.90
N TYR C 132 19.81 21.74 34.35
CA TYR C 132 19.38 20.35 34.30
C TYR C 132 19.10 19.94 32.87
N CYS C 133 19.26 18.65 32.59
CA CYS C 133 18.94 18.05 31.31
C CYS C 133 17.76 17.10 31.47
N VAL C 134 16.77 17.23 30.59
CA VAL C 134 15.53 16.46 30.68
C VAL C 134 15.33 15.73 29.36
N ARG C 135 14.97 14.46 29.43
CA ARG C 135 14.65 13.65 28.26
C ARG C 135 13.14 13.50 28.15
N SER C 136 12.60 13.70 26.95
CA SER C 136 11.17 13.64 26.73
C SER C 136 10.87 12.98 25.39
N ILE C 137 9.70 12.33 25.32
CA ILE C 137 9.19 11.72 24.10
C ILE C 137 7.73 12.15 23.95
N TYR C 138 7.34 12.49 22.71
CA TYR C 138 6.01 13.03 22.44
C TYR C 138 5.26 12.09 21.51
N TYR C 139 4.26 11.41 22.06
CA TYR C 139 3.31 10.61 21.29
C TYR C 139 2.12 10.32 22.20
N TYR C 140 1.13 9.63 21.65
CA TYR C 140 -0.05 9.31 22.43
C TYR C 140 0.31 8.32 23.55
N GLY C 141 -0.09 8.66 24.78
CA GLY C 141 0.24 7.85 25.92
C GLY C 141 1.64 8.02 26.46
N SER C 142 2.41 8.97 25.94
CA SER C 142 3.77 9.19 26.39
C SER C 142 3.78 9.96 27.71
N SER C 143 4.97 10.01 28.32
CA SER C 143 5.17 10.71 29.59
C SER C 143 6.36 11.66 29.43
N PRO C 144 6.12 12.84 28.85
CA PRO C 144 7.22 13.80 28.69
C PRO C 144 7.76 14.27 30.03
N PHE C 145 9.05 14.63 30.05
CA PHE C 145 9.73 15.10 31.25
C PHE C 145 9.68 14.07 32.36
N ASP C 146 9.81 12.79 31.98
CA ASP C 146 9.72 11.71 32.97
C ASP C 146 10.99 11.64 33.81
N PHE C 147 12.15 11.85 33.21
CA PHE C 147 13.43 11.73 33.90
C PHE C 147 14.17 13.05 33.86
N TRP C 148 14.90 13.34 34.94
CA TRP C 148 15.62 14.59 35.10
C TRP C 148 17.07 14.29 35.45
N GLY C 149 17.99 15.08 34.88
CA GLY C 149 19.41 14.85 35.10
C GLY C 149 19.89 15.34 36.45
N GLN C 150 21.10 14.90 36.81
CA GLN C 150 21.72 15.34 38.05
C GLN C 150 22.04 16.83 38.01
N GLY C 151 22.55 17.31 36.88
CA GLY C 151 22.88 18.71 36.73
C GLY C 151 24.33 19.02 37.09
N THR C 152 24.74 20.24 36.71
CA THR C 152 26.09 20.72 36.97
C THR C 152 26.01 22.13 37.55
N THR C 153 27.04 22.48 38.31
CA THR C 153 27.07 23.74 39.03
C THR C 153 27.87 24.78 38.24
N LEU C 154 27.26 25.94 38.02
CA LEU C 154 27.89 27.05 37.29
C LEU C 154 27.89 28.28 38.18
N THR C 155 29.07 28.89 38.35
CA THR C 155 29.23 30.10 39.13
C THR C 155 29.99 31.14 38.32
N VAL C 156 29.69 32.41 38.57
CA VAL C 156 30.32 33.52 37.87
C VAL C 156 30.85 34.51 38.90
N SER C 157 31.81 35.32 38.47
CA SER C 157 32.42 36.33 39.33
C SER C 157 31.57 37.59 39.38
N SER C 173 8.21 39.08 25.30
CA SER C 173 7.18 38.97 26.33
C SER C 173 5.83 38.60 25.70
N ALA C 174 4.75 38.99 26.38
CA ALA C 174 3.38 38.71 25.92
C ALA C 174 3.17 37.22 25.69
N ASP C 175 3.68 36.39 26.60
CA ASP C 175 3.57 34.95 26.51
C ASP C 175 2.72 34.43 27.67
N ILE C 176 2.51 33.12 27.68
CA ILE C 176 1.72 32.49 28.73
C ILE C 176 2.49 32.52 30.05
N VAL C 177 1.76 32.52 31.15
CA VAL C 177 2.36 32.54 32.49
C VAL C 177 1.29 32.12 33.48
N MET C 178 1.72 31.48 34.57
CA MET C 178 0.82 31.05 35.63
C MET C 178 1.46 31.31 36.98
N THR C 179 0.63 31.64 37.96
CA THR C 179 1.08 31.90 39.33
C THR C 179 0.20 31.12 40.30
N GLN C 180 0.80 30.73 41.43
CA GLN C 180 0.08 30.10 42.53
C GLN C 180 0.15 31.02 43.73
N ALA C 181 -1.01 31.28 44.36
CA ALA C 181 -1.07 32.24 45.45
C ALA C 181 -0.24 31.79 46.65
N THR C 182 -0.29 30.51 46.99
CA THR C 182 0.44 30.01 48.15
C THR C 182 1.91 29.81 47.80
N SER C 183 2.75 29.88 48.84
CA SER C 183 4.19 29.66 48.68
C SER C 183 4.66 28.61 49.67
N SER C 184 4.09 28.62 50.87
CA SER C 184 4.43 27.65 51.91
C SER C 184 3.35 27.61 52.98
N VAL C 185 2.86 26.42 53.31
CA VAL C 185 1.81 26.26 54.32
C VAL C 185 2.27 25.25 55.36
N PRO C 186 2.10 25.54 56.65
CA PRO C 186 2.50 24.58 57.69
C PRO C 186 1.44 23.49 57.84
N VAL C 187 1.78 22.29 57.36
CA VAL C 187 0.89 21.14 57.44
C VAL C 187 1.67 19.97 58.03
N THR C 188 1.00 19.19 58.88
CA THR C 188 1.62 18.01 59.48
C THR C 188 1.33 16.77 58.63
N PRO C 189 2.18 15.76 58.69
CA PRO C 189 1.87 14.49 58.02
C PRO C 189 0.67 13.81 58.68
N GLY C 190 -0.10 13.11 57.86
CA GLY C 190 -1.23 12.35 58.36
C GLY C 190 -2.55 12.62 57.68
N GLU C 191 -2.78 13.86 57.26
CA GLU C 191 -4.03 14.24 56.63
C GLU C 191 -3.78 14.71 55.20
N SER C 192 -4.87 14.95 54.48
CA SER C 192 -4.78 15.34 53.08
C SER C 192 -4.26 16.76 52.94
N VAL C 193 -3.50 16.99 51.88
CA VAL C 193 -2.94 18.30 51.56
C VAL C 193 -3.37 18.67 50.14
N SER C 194 -3.93 19.87 49.99
CA SER C 194 -4.42 20.34 48.71
C SER C 194 -3.82 21.70 48.39
N ILE C 195 -3.47 21.90 47.11
CA ILE C 195 -2.95 23.15 46.62
C ILE C 195 -3.73 23.55 45.38
N SER C 196 -3.65 24.83 45.03
CA SER C 196 -4.35 25.37 43.88
C SER C 196 -3.41 26.23 43.05
N CYS C 197 -3.65 26.24 41.74
CA CYS C 197 -2.87 27.04 40.81
C CYS C 197 -3.80 27.71 39.82
N ARG C 198 -3.43 28.91 39.38
CA ARG C 198 -4.23 29.68 38.44
C ARG C 198 -3.40 29.99 37.21
N SER C 199 -4.01 29.82 36.04
CA SER C 199 -3.36 30.08 34.76
C SER C 199 -4.03 31.25 34.07
N SER C 200 -3.21 32.17 33.52
CA SER C 200 -3.75 33.33 32.85
C SER C 200 -4.56 32.95 31.61
N LYS C 201 -4.07 31.98 30.84
CA LYS C 201 -4.74 31.51 29.64
C LYS C 201 -5.06 30.03 29.78
N SER C 202 -6.24 29.63 29.32
CA SER C 202 -6.67 28.25 29.43
C SER C 202 -5.74 27.33 28.64
N LEU C 203 -5.36 26.22 29.25
CA LEU C 203 -4.49 25.23 28.63
C LEU C 203 -5.26 24.10 27.95
N LEU C 204 -6.59 24.17 27.94
CA LEU C 204 -7.42 23.12 27.36
C LEU C 204 -7.36 23.24 25.84
N HIS C 205 -6.47 22.46 25.23
CA HIS C 205 -6.38 22.42 23.78
C HIS C 205 -7.64 21.79 23.20
N SER C 206 -8.02 22.26 22.00
CA SER C 206 -9.22 21.74 21.36
C SER C 206 -9.07 20.27 20.97
N ASN C 207 -7.86 19.72 20.99
CA ASN C 207 -7.67 18.30 20.68
C ASN C 207 -8.37 17.41 21.70
N GLY C 208 -8.39 17.80 22.97
CA GLY C 208 -9.13 17.05 23.96
C GLY C 208 -8.50 16.96 25.34
N ASN C 209 -7.22 17.29 25.46
CA ASN C 209 -6.51 17.16 26.73
C ASN C 209 -5.72 18.43 27.03
N THR C 210 -5.51 18.69 28.31
CA THR C 210 -4.71 19.81 28.76
C THR C 210 -3.23 19.45 28.76
N TYR C 211 -2.40 20.43 29.11
CA TYR C 211 -0.94 20.28 29.04
C TYR C 211 -0.28 20.82 30.30
N LEU C 212 -0.79 20.43 31.46
CA LEU C 212 -0.22 20.85 32.74
C LEU C 212 0.60 19.71 33.33
N TYR C 213 1.83 20.03 33.74
CA TYR C 213 2.74 19.05 34.31
C TYR C 213 3.14 19.47 35.72
N TRP C 214 3.18 18.50 36.62
CA TRP C 214 3.57 18.72 38.01
C TRP C 214 4.90 18.04 38.29
N PHE C 215 5.77 18.73 39.02
CA PHE C 215 7.12 18.24 39.28
C PHE C 215 7.41 18.25 40.77
N LEU C 216 8.29 17.34 41.18
CA LEU C 216 8.72 17.18 42.56
C LEU C 216 10.21 17.48 42.63
N GLN C 217 10.62 18.30 43.59
CA GLN C 217 12.03 18.60 43.83
C GLN C 217 12.33 18.37 45.29
N ARG C 218 13.03 17.28 45.58
CA ARG C 218 13.51 17.01 46.92
C ARG C 218 14.63 17.97 47.29
N PRO C 219 14.79 18.29 48.57
CA PRO C 219 15.88 19.19 48.97
C PRO C 219 17.24 18.55 48.73
N GLY C 220 18.03 19.17 47.86
CA GLY C 220 19.33 18.62 47.51
C GLY C 220 19.30 17.43 46.60
N GLN C 221 18.23 17.25 45.83
CA GLN C 221 18.10 16.10 44.93
C GLN C 221 17.52 16.56 43.59
N SER C 222 17.70 15.72 42.58
CA SER C 222 17.24 16.03 41.25
C SER C 222 15.71 16.03 41.20
N PRO C 223 15.12 16.86 40.34
CA PRO C 223 13.65 16.90 40.22
C PRO C 223 13.10 15.61 39.64
N GLN C 224 11.79 15.43 39.83
CA GLN C 224 11.09 14.25 39.33
C GLN C 224 9.66 14.63 38.99
N LEU C 225 9.04 13.80 38.15
CA LEU C 225 7.69 14.05 37.65
C LEU C 225 6.69 13.15 38.36
N LEU C 226 5.58 13.75 38.80
CA LEU C 226 4.49 13.02 39.44
C LEU C 226 3.26 12.91 38.55
N ILE C 227 2.79 14.03 38.01
CA ILE C 227 1.56 14.08 37.22
C ILE C 227 1.86 14.85 35.93
N TYR C 228 1.92 14.13 34.80
CA TYR C 228 2.15 14.79 33.52
C TYR C 228 0.88 15.33 32.90
N ARG C 229 -0.28 14.77 33.26
CA ARG C 229 -1.57 15.30 32.86
C ARG C 229 -2.58 14.96 33.96
N MET C 230 -3.60 15.80 34.11
CA MET C 230 -4.60 15.53 35.12
C MET C 230 -5.39 14.26 34.78
N SER C 231 -5.71 13.50 35.82
CA SER C 231 -6.53 12.28 35.78
C SER C 231 -5.81 11.09 35.16
N ASN C 232 -4.50 11.16 34.93
CA ASN C 232 -3.69 10.00 34.56
C ASN C 232 -2.36 10.08 35.30
N LEU C 233 -2.04 9.00 36.03
CA LEU C 233 -0.87 9.00 36.89
C LEU C 233 0.38 8.56 36.11
N ALA C 234 1.53 9.11 36.49
CA ALA C 234 2.79 8.71 35.90
C ALA C 234 3.32 7.44 36.58
N SER C 235 4.42 6.92 36.05
CA SER C 235 5.03 5.71 36.57
C SER C 235 6.01 6.03 37.68
N GLY C 236 6.14 5.09 38.62
CA GLY C 236 7.08 5.23 39.71
C GLY C 236 6.62 6.08 40.87
N VAL C 237 5.34 6.42 40.94
CA VAL C 237 4.81 7.25 42.02
C VAL C 237 3.58 6.58 42.61
N PRO C 238 3.27 6.80 43.89
CA PRO C 238 2.10 6.16 44.49
C PRO C 238 0.80 6.78 43.99
N ASP C 239 -0.30 6.13 44.34
CA ASP C 239 -1.63 6.52 43.89
C ASP C 239 -2.25 7.62 44.75
N ARG C 240 -1.55 8.08 45.79
CA ARG C 240 -2.10 9.12 46.65
C ARG C 240 -2.08 10.50 46.01
N PHE C 241 -1.42 10.65 44.86
CA PHE C 241 -1.35 11.94 44.17
C PHE C 241 -2.42 11.98 43.07
N SER C 242 -3.17 13.07 43.05
CA SER C 242 -4.22 13.27 42.05
C SER C 242 -4.32 14.75 41.70
N GLY C 243 -4.85 15.02 40.52
CA GLY C 243 -5.01 16.38 40.06
C GLY C 243 -6.27 16.53 39.22
N SER C 244 -6.85 17.72 39.28
CA SER C 244 -8.06 18.03 38.53
C SER C 244 -8.06 19.49 38.16
N GLY C 245 -8.83 19.83 37.12
CA GLY C 245 -8.92 21.20 36.67
C GLY C 245 -10.04 21.36 35.68
N SER C 246 -10.46 22.61 35.49
CA SER C 246 -11.53 22.96 34.56
C SER C 246 -11.07 23.95 33.50
N GLY C 247 -9.75 24.11 33.33
CA GLY C 247 -9.20 25.02 32.36
C GLY C 247 -8.84 26.39 32.90
N THR C 248 -9.38 26.79 34.05
CA THR C 248 -9.06 28.07 34.67
C THR C 248 -8.34 27.88 35.99
N ALA C 249 -8.92 27.14 36.93
CA ALA C 249 -8.30 26.86 38.22
C ALA C 249 -7.96 25.38 38.29
N PHE C 250 -6.71 25.07 38.59
CA PHE C 250 -6.21 23.70 38.64
C PHE C 250 -5.72 23.40 40.04
N THR C 251 -6.07 22.24 40.57
CA THR C 251 -5.75 21.87 41.94
C THR C 251 -5.10 20.48 41.96
N LEU C 252 -4.26 20.26 42.96
CA LEU C 252 -3.62 18.97 43.20
C LEU C 252 -3.93 18.51 44.61
N THR C 253 -4.38 17.26 44.74
CA THR C 253 -4.78 16.70 46.02
C THR C 253 -3.89 15.51 46.36
N ILE C 254 -3.51 15.42 47.63
CA ILE C 254 -2.68 14.34 48.14
C ILE C 254 -3.45 13.63 49.24
N SER C 255 -3.54 12.30 49.14
CA SER C 255 -4.29 11.53 50.12
C SER C 255 -3.59 11.54 51.47
N ARG C 256 -2.29 11.25 51.49
CA ARG C 256 -1.51 11.22 52.72
C ARG C 256 -0.15 11.86 52.48
N LEU C 257 0.42 12.41 53.54
CA LEU C 257 1.71 13.07 53.48
C LEU C 257 2.76 12.23 54.20
N GLU C 258 3.84 11.90 53.49
CA GLU C 258 4.94 11.13 54.04
C GLU C 258 6.16 12.05 54.24
N ALA C 259 7.16 11.50 54.94
CA ALA C 259 8.40 12.26 55.14
C ALA C 259 9.14 12.48 53.83
N GLU C 260 9.13 11.47 52.95
CA GLU C 260 9.84 11.57 51.67
C GLU C 260 9.14 12.50 50.68
N ASP C 261 7.91 12.90 50.95
CA ASP C 261 7.17 13.79 50.06
C ASP C 261 7.48 15.26 50.29
N VAL C 262 8.34 15.59 51.26
CA VAL C 262 8.70 16.97 51.51
C VAL C 262 9.54 17.50 50.35
N GLY C 263 9.14 18.65 49.82
CA GLY C 263 9.85 19.23 48.69
C GLY C 263 9.14 20.46 48.18
N VAL C 264 9.54 20.87 46.98
CA VAL C 264 9.00 22.07 46.33
C VAL C 264 8.13 21.63 45.15
N TYR C 265 6.96 22.26 45.02
CA TYR C 265 6.00 21.93 43.98
C TYR C 265 6.11 22.94 42.84
N TYR C 266 6.25 22.43 41.62
CA TYR C 266 6.38 23.26 40.43
C TYR C 266 5.29 22.90 39.44
N CYS C 267 4.66 23.91 38.85
CA CYS C 267 3.63 23.72 37.85
C CYS C 267 4.16 24.08 36.47
N MET C 268 3.72 23.33 35.46
CA MET C 268 4.30 23.39 34.13
C MET C 268 3.20 23.41 33.09
N GLN C 269 3.38 24.21 32.04
CA GLN C 269 2.46 24.23 30.91
C GLN C 269 3.22 23.81 29.64
N HIS C 270 2.48 23.16 28.73
CA HIS C 270 3.10 22.69 27.50
C HIS C 270 2.26 23.01 26.26
N LEU C 271 1.40 24.04 26.33
CA LEU C 271 0.61 24.42 25.16
C LEU C 271 1.43 25.28 24.20
N GLU C 272 2.12 26.29 24.73
CA GLU C 272 3.03 27.11 23.94
C GLU C 272 4.46 26.77 24.32
N TYR C 273 5.32 26.62 23.30
CA TYR C 273 6.67 26.15 23.54
C TYR C 273 7.53 27.11 24.37
N PRO C 274 7.26 28.43 24.47
CA PRO C 274 7.97 29.22 25.47
C PRO C 274 7.58 28.81 26.88
N LEU C 275 8.11 27.67 27.32
CA LEU C 275 7.72 27.10 28.61
C LEU C 275 8.02 28.06 29.74
N THR C 276 7.04 28.24 30.63
CA THR C 276 7.17 29.09 31.81
C THR C 276 6.77 28.26 33.02
N PHE C 277 7.63 28.24 34.04
CA PHE C 277 7.36 27.45 35.23
C PHE C 277 6.82 28.35 36.34
N GLY C 278 5.89 27.80 37.12
CA GLY C 278 5.35 28.56 38.23
C GLY C 278 6.33 28.71 39.38
N ALA C 279 6.08 29.72 40.20
CA ALA C 279 6.91 29.95 41.38
C ALA C 279 6.80 28.77 42.34
N GLY C 280 7.94 28.32 42.86
CA GLY C 280 7.95 27.12 43.67
C GLY C 280 7.15 27.27 44.95
N THR C 281 6.40 26.22 45.28
CA THR C 281 5.69 26.12 46.55
C THR C 281 6.28 24.95 47.33
N LYS C 282 6.73 25.21 48.55
CA LYS C 282 7.40 24.23 49.37
C LYS C 282 6.52 23.82 50.54
N LEU C 283 6.57 22.54 50.90
CA LEU C 283 5.84 21.99 52.02
C LEU C 283 6.82 21.53 53.09
N GLU C 284 6.54 21.87 54.34
CA GLU C 284 7.39 21.49 55.46
C GLU C 284 6.54 20.95 56.59
N LEU C 285 7.14 20.10 57.40
CA LEU C 285 6.44 19.48 58.53
C LEU C 285 6.96 20.02 59.86
N THR D 6 -3.70 -49.32 20.86
CA THR D 6 -3.39 -48.52 19.68
C THR D 6 -3.96 -47.11 19.82
N ALA D 7 -3.50 -46.20 18.97
CA ALA D 7 -3.97 -44.82 19.02
C ALA D 7 -5.42 -44.70 18.54
N SER D 8 -5.84 -45.56 17.61
CA SER D 8 -7.20 -45.48 17.10
C SER D 8 -8.23 -45.78 18.18
N ILE D 9 -7.97 -46.78 19.02
CA ILE D 9 -8.90 -47.13 20.08
C ILE D 9 -9.05 -45.99 21.08
N ALA D 10 -7.92 -45.40 21.49
CA ALA D 10 -7.98 -44.28 22.43
C ALA D 10 -8.68 -43.07 21.83
N GLN D 11 -8.40 -42.79 20.54
CA GLN D 11 -9.07 -41.68 19.87
C GLN D 11 -10.57 -41.92 19.81
N ALA D 12 -10.98 -43.15 19.50
CA ALA D 12 -12.40 -43.46 19.43
C ALA D 12 -13.07 -43.32 20.80
N ARG D 13 -12.40 -43.80 21.85
CA ARG D 13 -13.00 -43.70 23.18
C ARG D 13 -13.10 -42.24 23.64
N LYS D 14 -12.08 -41.43 23.35
CA LYS D 14 -12.16 -40.01 23.69
C LYS D 14 -13.25 -39.32 22.89
N LEU D 15 -13.41 -39.68 21.62
CA LEU D 15 -14.45 -39.11 20.77
C LEU D 15 -15.84 -39.44 21.31
N VAL D 16 -16.10 -40.72 21.60
CA VAL D 16 -17.42 -41.10 22.09
C VAL D 16 -17.67 -40.50 23.46
N GLU D 17 -16.63 -40.35 24.29
CA GLU D 17 -16.80 -39.66 25.57
C GLU D 17 -17.18 -38.20 25.36
N GLN D 18 -16.55 -37.54 24.38
CA GLN D 18 -16.85 -36.14 24.12
C GLN D 18 -18.30 -35.95 23.69
N LEU D 19 -18.78 -36.78 22.76
CA LEU D 19 -20.19 -36.69 22.40
C LEU D 19 -21.11 -37.14 23.53
N LYS D 20 -20.64 -38.02 24.42
CA LYS D 20 -21.45 -38.39 25.57
C LYS D 20 -21.67 -37.18 26.48
N MET D 21 -20.61 -36.42 26.74
CA MET D 21 -20.76 -35.20 27.54
C MET D 21 -21.51 -34.10 26.80
N GLU D 22 -21.45 -34.09 25.47
CA GLU D 22 -22.09 -33.03 24.69
C GLU D 22 -23.59 -33.28 24.46
N ALA D 23 -24.02 -34.53 24.36
CA ALA D 23 -25.37 -34.83 23.86
C ALA D 23 -26.45 -34.25 24.77
N ASN D 24 -26.28 -34.40 26.09
CA ASN D 24 -27.35 -34.01 27.00
C ASN D 24 -27.56 -32.50 27.00
N ILE D 25 -26.56 -31.75 27.46
CA ILE D 25 -26.60 -30.28 27.46
C ILE D 25 -27.88 -29.72 28.07
N ASP D 26 -28.22 -28.49 27.70
CA ASP D 26 -29.49 -27.87 28.08
C ASP D 26 -29.89 -26.93 26.95
N ARG D 27 -30.71 -27.42 26.04
CA ARG D 27 -31.11 -26.67 24.85
C ARG D 27 -32.51 -26.08 25.02
N ILE D 28 -32.68 -24.87 24.49
CA ILE D 28 -33.95 -24.17 24.55
C ILE D 28 -34.49 -24.02 23.13
N LYS D 29 -35.75 -23.63 23.05
CA LYS D 29 -36.39 -23.45 21.75
C LYS D 29 -35.73 -22.31 20.97
N VAL D 30 -35.58 -22.52 19.67
CA VAL D 30 -34.91 -21.53 18.81
C VAL D 30 -35.70 -20.24 18.75
N SER D 31 -37.04 -20.31 18.78
CA SER D 31 -37.85 -19.11 18.71
C SER D 31 -37.58 -18.19 19.89
N LYS D 32 -37.44 -18.76 21.09
CA LYS D 32 -37.16 -17.94 22.27
C LYS D 32 -35.81 -17.24 22.14
N ALA D 33 -34.80 -17.95 21.65
CA ALA D 33 -33.49 -17.35 21.46
C ALA D 33 -33.54 -16.23 20.43
N ALA D 34 -34.27 -16.44 19.33
CA ALA D 34 -34.40 -15.41 18.32
C ALA D 34 -35.12 -14.19 18.86
N ALA D 35 -36.18 -14.41 19.64
CA ALA D 35 -36.90 -13.29 20.25
C ALA D 35 -36.00 -12.52 21.22
N ASP D 36 -35.21 -13.23 22.02
CA ASP D 36 -34.29 -12.56 22.94
C ASP D 36 -33.24 -11.76 22.18
N LEU D 37 -32.71 -12.33 21.08
CA LEU D 37 -31.74 -11.60 20.27
C LEU D 37 -32.35 -10.36 19.65
N MET D 38 -33.58 -10.46 19.15
CA MET D 38 -34.25 -9.29 18.58
C MET D 38 -34.49 -8.22 19.63
N ALA D 39 -34.91 -8.64 20.83
CA ALA D 39 -35.12 -7.67 21.91
C ALA D 39 -33.83 -6.99 22.30
N TYR D 40 -32.73 -7.74 22.38
CA TYR D 40 -31.44 -7.15 22.70
C TYR D 40 -31.00 -6.17 21.61
N CYS D 41 -31.21 -6.53 20.34
CA CYS D 41 -30.83 -5.64 19.25
C CYS D 41 -31.64 -4.35 19.27
N GLU D 42 -32.95 -4.46 19.50
CA GLU D 42 -33.82 -3.29 19.52
C GLU D 42 -33.65 -2.46 20.78
N ALA D 43 -33.11 -3.04 21.85
CA ALA D 43 -32.86 -2.27 23.08
C ALA D 43 -31.82 -1.19 22.85
N HIS D 44 -30.77 -1.50 22.08
CA HIS D 44 -29.69 -0.57 21.80
C HIS D 44 -29.82 0.07 20.42
N ALA D 45 -31.06 0.29 19.96
CA ALA D 45 -31.27 0.85 18.63
C ALA D 45 -30.73 2.27 18.53
N LYS D 46 -30.97 3.09 19.56
CA LYS D 46 -30.57 4.49 19.55
C LYS D 46 -29.14 4.71 20.05
N GLU D 47 -28.44 3.65 20.43
CA GLU D 47 -27.10 3.80 20.98
C GLU D 47 -26.01 3.56 19.93
N ASP D 48 -26.25 2.64 18.99
CA ASP D 48 -25.23 2.29 18.01
C ASP D 48 -25.04 3.44 17.02
N PRO D 49 -23.84 4.01 16.90
CA PRO D 49 -23.63 5.09 15.91
C PRO D 49 -23.77 4.63 14.47
N LEU D 50 -23.60 3.32 14.21
CA LEU D 50 -23.68 2.83 12.83
C LEU D 50 -25.06 3.04 12.24
N LEU D 51 -26.11 2.72 13.01
CA LEU D 51 -27.48 2.89 12.52
C LEU D 51 -27.83 4.36 12.39
N THR D 52 -27.54 5.15 13.42
CA THR D 52 -27.80 6.59 13.42
C THR D 52 -26.48 7.34 13.57
N PRO D 53 -25.92 7.88 12.50
CA PRO D 53 -24.66 8.62 12.62
C PRO D 53 -24.78 9.81 13.55
N VAL D 54 -23.75 10.04 14.34
CA VAL D 54 -23.72 11.14 15.30
C VAL D 54 -23.47 12.45 14.56
N PRO D 55 -23.94 13.58 15.07
CA PRO D 55 -23.65 14.86 14.42
C PRO D 55 -22.17 15.20 14.53
N ALA D 56 -21.71 16.00 13.57
CA ALA D 56 -20.30 16.37 13.52
C ALA D 56 -19.87 17.12 14.77
N SER D 57 -20.78 17.91 15.35
CA SER D 57 -20.45 18.63 16.57
C SER D 57 -20.15 17.67 17.72
N GLU D 58 -20.94 16.59 17.83
CA GLU D 58 -20.77 15.60 18.89
C GLU D 58 -19.86 14.44 18.48
N ASN D 59 -19.32 14.47 17.25
CA ASN D 59 -18.47 13.38 16.78
C ASN D 59 -17.02 13.70 17.11
N PRO D 60 -16.34 12.90 17.94
CA PRO D 60 -14.91 13.15 18.20
C PRO D 60 -14.05 13.07 16.96
N PHE D 61 -14.41 12.24 15.98
CA PHE D 61 -13.63 12.14 14.75
C PHE D 61 -13.63 13.45 13.99
N ARG D 62 -14.79 14.10 13.90
CA ARG D 62 -14.90 15.37 13.18
C ARG D 62 -16.04 16.22 13.74
N CYS E 1 2.66 29.63 -43.99
CA CYS E 1 3.18 30.12 -45.26
C CYS E 1 4.39 31.02 -45.02
N SER E 2 5.35 30.99 -45.95
CA SER E 2 6.62 31.68 -45.73
C SER E 2 7.11 32.40 -46.98
N CYS E 3 6.20 32.85 -47.85
CA CYS E 3 6.63 33.66 -48.98
C CYS E 3 6.76 35.13 -48.55
N SER E 4 7.60 35.85 -49.27
CA SER E 4 8.02 37.18 -48.86
C SER E 4 7.33 38.27 -49.67
N SER E 5 7.33 39.48 -49.11
CA SER E 5 6.89 40.74 -49.68
C SER E 5 5.36 40.85 -49.76
N LEU E 6 4.61 39.79 -49.52
CA LEU E 6 3.15 39.82 -49.50
C LEU E 6 2.58 40.50 -50.74
N MET E 7 3.22 40.23 -51.87
CA MET E 7 2.87 40.90 -53.12
C MET E 7 2.35 39.92 -54.17
N ASP E 8 3.09 38.85 -54.43
CA ASP E 8 2.69 37.90 -55.46
C ASP E 8 1.32 37.29 -55.14
N LYS E 9 0.44 37.30 -56.14
CA LYS E 9 -0.91 36.79 -55.94
C LYS E 9 -0.92 35.27 -55.82
N GLU E 10 0.01 34.59 -56.50
CA GLU E 10 -0.03 33.14 -56.56
C GLU E 10 0.15 32.52 -55.18
N CYS E 11 1.14 33.00 -54.41
CA CYS E 11 1.37 32.44 -53.08
C CYS E 11 0.18 32.72 -52.16
N VAL E 12 -0.37 33.93 -52.21
CA VAL E 12 -1.49 34.28 -51.34
C VAL E 12 -2.71 33.42 -51.66
N TYR E 13 -3.00 33.24 -52.96
CA TYR E 13 -4.13 32.41 -53.36
C TYR E 13 -3.90 30.96 -52.98
N PHE E 14 -2.67 30.46 -53.15
CA PHE E 14 -2.36 29.10 -52.75
C PHE E 14 -2.59 28.91 -51.25
N CYS E 15 -2.09 29.85 -50.44
CA CYS E 15 -2.29 29.77 -48.99
C CYS E 15 -3.77 29.84 -48.64
N HIS E 16 -4.54 30.62 -49.41
CA HIS E 16 -5.98 30.68 -49.20
C HIS E 16 -6.62 29.31 -49.47
N LEU E 17 -6.16 28.62 -50.51
CA LEU E 17 -6.69 27.30 -50.84
C LEU E 17 -5.90 26.15 -50.21
N ASP E 18 -4.78 26.42 -49.56
CA ASP E 18 -4.00 25.38 -48.91
C ASP E 18 -4.42 25.21 -47.45
N ILE E 19 -4.15 24.03 -46.91
CA ILE E 19 -4.39 23.75 -45.50
C ILE E 19 -3.42 24.56 -44.67
N ILE E 20 -3.76 24.78 -43.40
CA ILE E 20 -2.91 25.54 -42.50
C ILE E 20 -1.81 24.66 -41.94
N TRP E 21 -0.66 25.26 -41.64
CA TRP E 21 0.50 24.54 -41.13
C TRP E 21 1.60 25.51 -40.70
N HIS F 124 6.34 37.80 -62.80
CA HIS F 124 5.28 37.86 -61.81
C HIS F 124 3.90 38.00 -62.46
N ASN F 125 2.97 38.64 -61.76
CA ASN F 125 1.62 38.85 -62.24
C ASN F 125 0.89 37.53 -62.44
N TYR F 126 -0.19 37.55 -63.24
CA TYR F 126 -1.03 36.37 -63.40
C TYR F 126 -0.30 35.29 -64.19
N CYS F 127 -1.01 34.18 -64.38
CA CYS F 127 -0.60 33.01 -65.14
C CYS F 127 -1.75 32.65 -66.07
N PRO F 128 -1.47 31.93 -67.16
CA PRO F 128 -2.55 31.59 -68.11
C PRO F 128 -3.67 30.76 -67.50
N GLN F 129 -3.41 30.03 -66.42
CA GLN F 129 -4.42 29.22 -65.76
C GLN F 129 -4.38 29.48 -64.26
N GLN F 130 -5.53 29.31 -63.61
CA GLN F 130 -5.62 29.50 -62.16
C GLN F 130 -6.29 28.28 -61.52
N THR F 131 -6.58 28.39 -60.22
CA THR F 131 -7.10 27.29 -59.40
C THR F 131 -6.09 26.15 -59.27
N LYS F 132 -6.21 25.36 -58.21
CA LYS F 132 -5.33 24.22 -57.99
C LYS F 132 -6.08 22.93 -57.74
N ILE F 133 -7.22 22.99 -57.06
CA ILE F 133 -7.99 21.79 -56.72
C ILE F 133 -8.84 21.38 -57.91
N THR F 134 -9.35 20.15 -57.88
CA THR F 134 -10.28 19.64 -58.88
C THR F 134 -11.59 19.28 -58.19
N SER F 135 -12.69 19.37 -58.96
CA SER F 135 -14.00 19.10 -58.38
C SER F 135 -14.12 17.65 -57.92
N ALA F 136 -13.58 16.71 -58.69
CA ALA F 136 -13.66 15.31 -58.32
C ALA F 136 -12.90 15.02 -57.03
N PHE F 137 -11.70 15.59 -56.89
CA PHE F 137 -10.89 15.32 -55.70
C PHE F 137 -11.51 15.92 -54.46
N LYS F 138 -12.24 17.03 -54.59
CA LYS F 138 -12.84 17.67 -53.44
C LYS F 138 -13.88 16.76 -52.77
N TYR F 139 -14.68 16.06 -53.58
CA TYR F 139 -15.78 15.25 -53.06
C TYR F 139 -15.33 13.86 -52.64
N ILE F 140 -14.46 13.22 -53.42
CA ILE F 140 -14.08 11.83 -53.13
C ILE F 140 -13.28 11.75 -51.83
N ASN F 141 -12.45 12.76 -51.57
CA ASN F 141 -11.68 12.75 -50.32
C ASN F 141 -12.55 13.16 -49.14
N THR F 142 -13.59 13.94 -49.38
CA THR F 142 -14.42 14.45 -48.29
C THR F 142 -15.09 13.30 -47.55
N VAL F 143 -15.62 12.31 -48.28
CA VAL F 143 -16.29 11.20 -47.62
C VAL F 143 -15.31 10.35 -46.83
N ILE F 144 -14.11 10.12 -47.38
CA ILE F 144 -13.11 9.39 -46.63
C ILE F 144 -12.56 10.23 -45.48
N SER F 145 -12.59 11.56 -45.63
CA SER F 145 -12.24 12.44 -44.51
C SER F 145 -13.28 12.34 -43.41
N CYS F 146 -14.56 12.23 -43.78
CA CYS F 146 -15.60 11.99 -42.77
C CYS F 146 -15.52 10.57 -42.23
N THR F 147 -15.18 9.60 -43.09
CA THR F 147 -15.06 8.22 -42.65
C THR F 147 -13.92 8.05 -41.65
N ILE F 148 -12.79 8.69 -41.91
CA ILE F 148 -11.67 8.61 -40.98
C ILE F 148 -11.98 9.39 -39.71
N PHE F 149 -12.82 10.42 -39.80
CA PHE F 149 -13.19 11.19 -38.63
C PHE F 149 -14.03 10.34 -37.68
N ILE F 150 -15.06 9.68 -38.21
CA ILE F 150 -15.98 8.93 -37.36
C ILE F 150 -15.28 7.76 -36.67
N VAL F 151 -14.33 7.13 -37.35
CA VAL F 151 -13.59 6.04 -36.73
C VAL F 151 -12.50 6.58 -35.83
N GLY F 152 -12.03 7.81 -36.09
CA GLY F 152 -10.99 8.39 -35.25
C GLY F 152 -11.46 8.68 -33.85
N MET F 153 -12.66 9.23 -33.69
CA MET F 153 -13.14 9.58 -32.36
C MET F 153 -13.45 8.34 -31.54
N VAL F 154 -14.18 7.38 -32.12
CA VAL F 154 -14.64 6.23 -31.35
C VAL F 154 -13.46 5.36 -30.92
N GLY F 155 -12.45 5.23 -31.78
CA GLY F 155 -11.27 4.47 -31.39
C GLY F 155 -10.51 5.11 -30.26
N ASN F 156 -10.33 6.43 -30.32
CA ASN F 156 -9.62 7.14 -29.26
C ASN F 156 -10.46 7.26 -28.00
N ALA F 157 -11.76 7.58 -28.15
CA ALA F 157 -12.62 7.75 -26.99
C ALA F 157 -12.77 6.44 -26.23
N THR F 158 -12.75 5.30 -26.93
CA THR F 158 -12.81 4.01 -26.26
C THR F 158 -11.59 3.79 -25.38
N LEU F 159 -10.40 4.12 -25.90
CA LEU F 159 -9.18 3.89 -25.13
C LEU F 159 -9.18 4.71 -23.85
N LEU F 160 -9.63 5.97 -23.93
CA LEU F 160 -9.70 6.81 -22.74
C LEU F 160 -10.72 6.28 -21.74
N ARG F 161 -11.84 5.75 -22.23
CA ARG F 161 -12.92 5.36 -21.33
C ARG F 161 -12.55 4.09 -20.56
N ILE F 162 -11.78 3.18 -21.16
CA ILE F 162 -11.36 1.98 -20.45
C ILE F 162 -10.37 2.33 -19.34
N ILE F 163 -9.44 3.24 -19.62
CA ILE F 163 -8.44 3.62 -18.63
C ILE F 163 -9.11 4.26 -17.43
N TYR F 164 -10.10 5.13 -17.66
CA TYR F 164 -10.77 5.82 -16.56
C TYR F 164 -11.64 4.88 -15.75
N GLN F 165 -12.37 3.99 -16.42
CA GLN F 165 -13.42 3.20 -15.76
C GLN F 165 -12.92 1.88 -15.19
N ASN F 166 -11.86 1.29 -15.75
CA ASN F 166 -11.43 -0.03 -15.30
C ASN F 166 -10.87 0.03 -13.89
N LYS F 167 -10.32 1.16 -13.49
CA LYS F 167 -9.94 1.56 -12.13
C LYS F 167 -8.66 0.92 -11.61
N CYS F 168 -8.06 -0.04 -12.31
CA CYS F 168 -6.75 -0.56 -11.92
C CYS F 168 -5.70 -0.38 -13.00
N MET F 169 -5.95 0.50 -13.97
CA MET F 169 -5.00 0.80 -15.03
C MET F 169 -4.19 2.06 -14.75
N ARG F 170 -4.31 2.65 -13.56
CA ARG F 170 -3.59 3.86 -13.23
C ARG F 170 -2.11 3.56 -12.99
N ASN F 171 -1.34 3.50 -14.06
CA ASN F 171 0.09 3.21 -13.98
C ASN F 171 0.85 4.23 -14.81
N GLY F 172 2.15 4.31 -14.56
CA GLY F 172 3.04 5.17 -15.31
C GLY F 172 3.03 4.90 -16.79
N PRO F 173 3.25 3.64 -17.20
CA PRO F 173 3.15 3.31 -18.63
C PRO F 173 1.81 3.63 -19.25
N ASN F 174 0.72 3.43 -18.51
CA ASN F 174 -0.60 3.74 -19.06
C ASN F 174 -0.87 5.24 -19.10
N ALA F 175 -0.25 6.00 -18.20
CA ALA F 175 -0.42 7.44 -18.20
C ALA F 175 0.12 8.05 -19.50
N LEU F 176 1.28 7.58 -19.95
CA LEU F 176 1.83 8.05 -21.22
C LEU F 176 0.93 7.65 -22.39
N ILE F 177 0.39 6.43 -22.34
CA ILE F 177 -0.51 5.98 -23.39
C ILE F 177 -1.78 6.82 -23.41
N ALA F 178 -2.33 7.10 -22.22
CA ALA F 178 -3.53 7.93 -22.14
C ALA F 178 -3.26 9.34 -22.64
N SER F 179 -2.10 9.90 -22.30
CA SER F 179 -1.76 11.24 -22.77
C SER F 179 -1.61 11.27 -24.29
N LEU F 180 -0.96 10.25 -24.86
CA LEU F 180 -0.82 10.18 -26.31
C LEU F 180 -2.18 10.04 -26.99
N ALA F 181 -3.04 9.18 -26.43
CA ALA F 181 -4.37 9.00 -27.00
C ALA F 181 -5.20 10.28 -26.89
N LEU F 182 -5.15 10.95 -25.73
CA LEU F 182 -5.87 12.20 -25.57
C LEU F 182 -5.31 13.28 -26.48
N GLY F 183 -3.98 13.35 -26.61
CA GLY F 183 -3.39 14.30 -27.53
C GLY F 183 -3.78 14.03 -28.97
N ASP F 184 -3.90 12.75 -29.33
CA ASP F 184 -4.41 12.40 -30.64
C ASP F 184 -5.87 12.84 -30.80
N LEU F 185 -6.66 12.71 -29.74
CA LEU F 185 -8.08 13.04 -29.82
C LEU F 185 -8.28 14.52 -30.11
N ILE F 186 -7.53 15.39 -29.44
CA ILE F 186 -7.68 16.82 -29.66
C ILE F 186 -7.17 17.21 -31.04
N TYR F 187 -6.27 16.39 -31.61
CA TYR F 187 -5.78 16.64 -32.95
C TYR F 187 -6.87 16.43 -33.99
N VAL F 188 -7.58 15.29 -33.89
CA VAL F 188 -8.59 14.95 -34.89
C VAL F 188 -9.80 15.87 -34.76
N VAL F 189 -10.23 16.15 -33.53
CA VAL F 189 -11.45 16.91 -33.33
C VAL F 189 -11.26 18.38 -33.70
N ILE F 190 -10.02 18.82 -33.85
CA ILE F 190 -9.75 20.22 -34.19
C ILE F 190 -9.32 20.38 -35.64
N ASP F 191 -8.37 19.57 -36.10
CA ASP F 191 -7.83 19.74 -37.45
C ASP F 191 -8.84 19.31 -38.50
N LEU F 192 -9.49 18.16 -38.31
CA LEU F 192 -10.36 17.61 -39.35
C LEU F 192 -11.56 18.50 -39.67
N PRO F 193 -12.35 18.99 -38.70
CA PRO F 193 -13.51 19.80 -39.09
C PRO F 193 -13.16 21.07 -39.85
N ILE F 194 -12.01 21.69 -39.53
CA ILE F 194 -11.65 22.93 -40.21
C ILE F 194 -10.94 22.65 -41.53
N ASN F 195 -10.25 21.51 -41.65
CA ASN F 195 -9.57 21.19 -42.90
C ASN F 195 -10.55 20.84 -43.99
N VAL F 196 -11.60 20.08 -43.66
CA VAL F 196 -12.58 19.69 -44.67
C VAL F 196 -13.39 20.89 -45.13
N PHE F 197 -13.72 21.80 -44.22
CA PHE F 197 -14.49 22.98 -44.58
C PHE F 197 -13.72 23.86 -45.56
N LYS F 198 -12.42 24.03 -45.32
CA LYS F 198 -11.61 24.87 -46.20
C LYS F 198 -11.49 24.27 -47.59
N LEU F 199 -11.46 22.94 -47.68
CA LEU F 199 -11.38 22.30 -48.99
C LEU F 199 -12.72 22.31 -49.71
N LEU F 200 -13.83 22.16 -48.98
CA LEU F 200 -15.15 22.28 -49.60
C LEU F 200 -15.38 23.68 -50.14
N ALA F 201 -15.09 24.69 -49.33
CA ALA F 201 -15.18 26.09 -49.75
C ALA F 201 -13.88 26.79 -49.38
N GLY F 202 -13.26 27.43 -50.35
CA GLY F 202 -11.99 28.12 -50.13
C GLY F 202 -12.18 29.41 -49.36
N ARG F 203 -12.49 29.27 -48.07
CA ARG F 203 -12.86 30.42 -47.24
C ARG F 203 -12.40 30.16 -45.82
N TRP F 204 -12.74 31.08 -44.92
CA TRP F 204 -12.50 30.95 -43.49
C TRP F 204 -13.84 30.93 -42.77
N PRO F 205 -13.97 30.16 -41.68
CA PRO F 205 -15.31 29.96 -41.08
C PRO F 205 -15.99 31.25 -40.65
N PHE F 206 -15.28 32.16 -39.98
CA PHE F 206 -15.95 33.35 -39.44
C PHE F 206 -16.06 34.45 -40.48
N ASP F 207 -14.92 34.98 -40.93
CA ASP F 207 -14.83 36.15 -41.81
C ASP F 207 -15.41 37.41 -41.18
N HIS F 208 -14.82 38.56 -41.48
CA HIS F 208 -15.27 39.89 -41.08
C HIS F 208 -15.70 39.98 -39.61
N ASN F 209 -15.12 39.15 -38.76
CA ASN F 209 -15.35 39.19 -37.32
C ASN F 209 -14.02 39.20 -36.59
N ASP F 210 -13.99 39.87 -35.44
CA ASP F 210 -12.80 39.84 -34.60
C ASP F 210 -12.57 38.44 -34.02
N PHE F 211 -13.64 37.69 -33.78
CA PHE F 211 -13.49 36.32 -33.30
C PHE F 211 -12.80 35.44 -34.32
N GLY F 212 -12.91 35.78 -35.61
CA GLY F 212 -12.22 35.02 -36.63
C GLY F 212 -10.71 35.07 -36.49
N VAL F 213 -10.18 36.26 -36.18
CA VAL F 213 -8.74 36.39 -35.96
C VAL F 213 -8.32 35.59 -34.74
N PHE F 214 -9.11 35.64 -33.67
CA PHE F 214 -8.82 34.84 -32.49
C PHE F 214 -8.86 33.35 -32.80
N LEU F 215 -9.87 32.91 -33.57
CA LEU F 215 -9.91 31.53 -34.01
C LEU F 215 -8.77 31.22 -34.97
N CYS F 216 -8.39 32.19 -35.79
CA CYS F 216 -7.25 32.01 -36.69
C CYS F 216 -5.95 31.85 -35.93
N LYS F 217 -5.84 32.48 -34.75
CA LYS F 217 -4.64 32.40 -33.94
C LYS F 217 -4.70 31.32 -32.87
N LEU F 218 -5.77 30.52 -32.83
CA LEU F 218 -5.94 29.49 -31.82
C LEU F 218 -5.84 28.07 -32.38
N PHE F 219 -6.52 27.79 -33.49
CA PHE F 219 -6.48 26.44 -34.06
C PHE F 219 -5.08 26.02 -34.48
N PRO F 220 -4.30 26.83 -35.22
CA PRO F 220 -2.92 26.39 -35.52
C PRO F 220 -2.07 26.17 -34.27
N PHE F 221 -2.26 26.99 -33.23
CA PHE F 221 -1.51 26.82 -32.00
C PHE F 221 -1.84 25.50 -31.32
N LEU F 222 -3.13 25.16 -31.26
CA LEU F 222 -3.53 23.90 -30.64
C LEU F 222 -3.01 22.70 -31.45
N GLN F 223 -3.04 22.79 -32.78
CA GLN F 223 -2.55 21.70 -33.60
C GLN F 223 -1.05 21.50 -33.41
N LYS F 224 -0.28 22.60 -33.41
CA LYS F 224 1.17 22.49 -33.23
C LYS F 224 1.50 21.91 -31.86
N SER F 225 0.78 22.33 -30.81
CA SER F 225 0.97 21.74 -29.51
C SER F 225 0.60 20.27 -29.50
N SER F 226 -0.45 19.90 -30.24
CA SER F 226 -0.87 18.50 -30.30
C SER F 226 0.22 17.63 -30.93
N VAL F 227 0.87 18.12 -31.98
CA VAL F 227 1.95 17.36 -32.61
C VAL F 227 3.12 17.23 -31.65
N GLY F 228 3.41 18.31 -30.91
CA GLY F 228 4.57 18.30 -30.02
C GLY F 228 4.47 17.27 -28.92
N ILE F 229 3.30 17.17 -28.28
CA ILE F 229 3.13 16.21 -27.20
C ILE F 229 3.11 14.79 -27.74
N THR F 230 2.41 14.55 -28.84
CA THR F 230 2.28 13.20 -29.37
C THR F 230 3.62 12.66 -29.85
N VAL F 231 4.40 13.51 -30.54
CA VAL F 231 5.72 13.10 -30.99
C VAL F 231 6.63 12.83 -29.80
N LEU F 232 6.59 13.71 -28.80
CA LEU F 232 7.45 13.55 -27.63
C LEU F 232 6.97 12.43 -26.72
N ASN F 233 5.66 12.15 -26.70
CA ASN F 233 5.17 10.99 -25.95
C ASN F 233 5.72 9.70 -26.53
N LEU F 234 5.83 9.63 -27.86
CA LEU F 234 6.45 8.46 -28.48
C LEU F 234 7.90 8.31 -28.04
N CYS F 235 8.63 9.42 -27.96
CA CYS F 235 10.00 9.38 -27.46
C CYS F 235 10.03 8.95 -26.00
N ALA F 236 9.10 9.45 -25.19
CA ALA F 236 9.03 9.05 -23.79
C ALA F 236 8.67 7.57 -23.65
N LEU F 237 7.75 7.08 -24.49
CA LEU F 237 7.37 5.67 -24.43
C LEU F 237 8.55 4.77 -24.77
N SER F 238 9.34 5.14 -25.78
CA SER F 238 10.53 4.37 -26.12
C SER F 238 11.56 4.41 -24.98
N VAL F 239 11.70 5.56 -24.33
CA VAL F 239 12.61 5.67 -23.21
C VAL F 239 12.16 4.77 -22.06
N ASP F 240 10.86 4.79 -21.76
CA ASP F 240 10.34 3.96 -20.67
C ASP F 240 10.49 2.48 -20.99
N ARG F 241 10.18 2.09 -22.23
CA ARG F 241 10.27 0.68 -22.60
C ARG F 241 11.71 0.18 -22.53
N TYR F 242 12.66 0.98 -23.03
CA TYR F 242 14.06 0.57 -22.99
C TYR F 242 14.58 0.49 -21.56
N ARG F 243 14.16 1.43 -20.70
CA ARG F 243 14.65 1.44 -19.33
C ARG F 243 14.22 0.19 -18.57
N ALA F 244 12.96 -0.22 -18.73
CA ALA F 244 12.49 -1.41 -18.03
C ALA F 244 13.21 -2.66 -18.49
N VAL F 245 13.42 -2.80 -19.81
CA VAL F 245 14.13 -3.97 -20.33
C VAL F 245 15.58 -3.98 -19.84
N ALA F 246 16.24 -2.82 -19.90
CA ALA F 246 17.61 -2.72 -19.42
C ALA F 246 17.68 -2.96 -17.91
N SER F 247 16.74 -2.37 -17.16
CA SER F 247 16.71 -2.55 -15.70
C SER F 247 15.89 -3.80 -15.36
N TRP F 248 16.55 -4.94 -15.54
CA TRP F 248 15.93 -6.23 -15.25
C TRP F 248 15.64 -6.43 -13.77
N SER F 249 16.26 -5.65 -12.89
CA SER F 249 16.07 -5.79 -11.45
C SER F 249 15.00 -4.86 -10.89
N ARG F 250 14.06 -4.42 -11.72
CA ARG F 250 13.03 -3.48 -11.29
C ARG F 250 11.67 -4.01 -11.71
N VAL F 251 10.88 -4.45 -10.73
CA VAL F 251 9.52 -4.87 -11.01
C VAL F 251 8.58 -3.67 -10.88
N GLN F 252 7.92 -3.31 -11.97
CA GLN F 252 7.03 -2.17 -12.00
C GLN F 252 5.60 -2.61 -11.68
N GLY F 253 4.90 -1.78 -10.90
CA GLY F 253 3.59 -2.16 -10.41
C GLY F 253 2.52 -1.10 -10.53
N ILE F 254 1.74 -0.93 -9.46
CA ILE F 254 0.56 -0.07 -9.45
C ILE F 254 0.97 1.31 -8.97
N GLY F 255 0.30 2.33 -9.48
CA GLY F 255 0.59 3.71 -9.11
C GLY F 255 1.45 4.43 -10.12
N ILE F 256 1.28 5.73 -10.23
CA ILE F 256 2.05 6.55 -11.17
C ILE F 256 3.31 7.06 -10.46
N PRO F 257 4.50 6.73 -10.96
CA PRO F 257 5.73 7.26 -10.36
C PRO F 257 5.76 8.78 -10.39
N LEU F 258 6.45 9.34 -9.38
CA LEU F 258 6.65 10.78 -9.35
C LEU F 258 7.46 11.25 -10.56
N VAL F 259 8.43 10.44 -11.00
CA VAL F 259 9.22 10.78 -12.18
C VAL F 259 8.32 10.83 -13.41
N THR F 260 7.44 9.83 -13.57
CA THR F 260 6.51 9.84 -14.69
C THR F 260 5.52 11.00 -14.58
N ALA F 261 5.04 11.27 -13.36
CA ALA F 261 4.09 12.37 -13.18
C ALA F 261 4.71 13.71 -13.51
N ILE F 262 5.98 13.90 -13.15
CA ILE F 262 6.64 15.17 -13.46
C ILE F 262 7.05 15.21 -14.93
N GLU F 263 7.16 14.05 -15.58
CA GLU F 263 7.55 14.02 -16.99
C GLU F 263 6.41 14.47 -17.90
N ILE F 264 5.19 13.99 -17.63
CA ILE F 264 4.06 14.30 -18.51
C ILE F 264 3.73 15.78 -18.46
N VAL F 265 3.73 16.37 -17.27
CA VAL F 265 3.43 17.80 -17.15
C VAL F 265 4.52 18.63 -17.79
N SER F 266 5.78 18.21 -17.65
CA SER F 266 6.87 18.90 -18.34
C SER F 266 6.78 18.69 -19.84
N ILE F 267 6.29 17.52 -20.26
CA ILE F 267 6.15 17.24 -21.69
C ILE F 267 5.11 18.18 -22.31
N TRP F 268 3.98 18.35 -21.62
CA TRP F 268 2.94 19.24 -22.11
C TRP F 268 3.41 20.69 -22.13
N ILE F 269 4.12 21.11 -21.08
CA ILE F 269 4.54 22.51 -20.97
C ILE F 269 5.54 22.86 -22.06
N LEU F 270 6.50 21.97 -22.32
CA LEU F 270 7.52 22.25 -23.32
C LEU F 270 6.90 22.39 -24.72
N SER F 271 5.95 21.51 -25.05
CA SER F 271 5.27 21.60 -26.33
C SER F 271 4.48 22.90 -26.45
N PHE F 272 3.80 23.31 -25.37
CA PHE F 272 3.07 24.57 -25.39
C PHE F 272 4.01 25.76 -25.57
N ILE F 273 5.17 25.72 -24.91
CA ILE F 273 6.13 26.81 -25.02
C ILE F 273 6.66 26.91 -26.45
N LEU F 274 6.98 25.76 -27.06
CA LEU F 274 7.47 25.78 -28.44
C LEU F 274 6.37 26.12 -29.44
N ALA F 275 5.10 25.83 -29.11
CA ALA F 275 4.00 26.22 -29.96
C ALA F 275 3.60 27.68 -29.78
N ILE F 276 4.15 28.36 -28.78
CA ILE F 276 3.81 29.77 -28.55
C ILE F 276 4.20 30.65 -29.75
N PRO F 277 5.42 30.54 -30.33
CA PRO F 277 5.74 31.40 -31.47
C PRO F 277 5.10 30.91 -32.77
N GLU F 278 3.83 30.50 -32.70
CA GLU F 278 3.04 30.20 -33.88
C GLU F 278 1.67 30.85 -33.75
N ALA F 279 1.19 30.98 -32.52
CA ALA F 279 -0.13 31.56 -32.25
C ALA F 279 -0.15 33.04 -32.61
N ILE F 280 0.87 33.78 -32.18
CA ILE F 280 0.97 35.19 -32.51
C ILE F 280 1.74 35.34 -33.82
N GLY F 281 1.47 36.44 -34.52
CA GLY F 281 1.96 36.61 -35.87
C GLY F 281 1.18 35.88 -36.93
N PHE F 282 0.13 35.13 -36.54
CA PHE F 282 -0.73 34.43 -37.49
C PHE F 282 -2.01 35.25 -37.68
N VAL F 283 -1.90 36.26 -38.55
CA VAL F 283 -2.95 37.24 -38.72
C VAL F 283 -3.45 37.22 -40.16
N MET F 284 -4.61 37.84 -40.37
CA MET F 284 -5.25 37.88 -41.67
C MET F 284 -4.95 39.20 -42.36
N VAL F 285 -4.56 39.12 -43.63
CA VAL F 285 -4.25 40.29 -44.45
C VAL F 285 -5.02 40.18 -45.75
N PRO F 286 -5.88 41.14 -46.09
CA PRO F 286 -6.64 41.05 -47.33
C PRO F 286 -5.76 41.14 -48.56
N PHE F 287 -6.39 41.00 -49.72
CA PHE F 287 -5.73 41.20 -51.00
C PHE F 287 -6.75 41.69 -52.01
N GLU F 288 -6.27 42.37 -53.05
CA GLU F 288 -7.13 42.88 -54.12
C GLU F 288 -6.49 42.50 -55.44
N TYR F 289 -7.16 41.63 -56.20
CA TYR F 289 -6.65 41.18 -57.49
C TYR F 289 -7.77 40.42 -58.18
N ARG F 290 -7.89 40.65 -59.49
CA ARG F 290 -8.91 39.99 -60.33
C ARG F 290 -10.32 40.41 -59.93
N GLY F 291 -10.45 41.61 -59.37
CA GLY F 291 -11.77 42.16 -59.05
C GLY F 291 -12.56 41.33 -58.07
N GLU F 292 -11.90 40.76 -57.06
CA GLU F 292 -12.58 39.97 -56.06
C GLU F 292 -11.90 40.19 -54.71
N GLN F 293 -12.72 40.25 -53.66
CA GLN F 293 -12.25 40.45 -52.30
C GLN F 293 -12.51 39.19 -51.50
N HIS F 294 -11.47 38.68 -50.85
CA HIS F 294 -11.58 37.46 -50.05
C HIS F 294 -10.87 37.66 -48.72
N LYS F 295 -11.41 37.04 -47.68
CA LYS F 295 -10.78 37.02 -46.37
C LYS F 295 -9.93 35.76 -46.27
N THR F 296 -8.61 35.95 -46.31
CA THR F 296 -7.67 34.84 -46.35
C THR F 296 -6.76 34.88 -45.13
N CYS F 297 -6.28 33.71 -44.72
CA CYS F 297 -5.50 33.56 -43.49
C CYS F 297 -4.16 32.92 -43.79
N MET F 298 -3.08 33.60 -43.40
CA MET F 298 -1.74 33.03 -43.41
C MET F 298 -0.98 33.58 -42.21
N LEU F 299 0.34 33.37 -42.22
CA LEU F 299 1.22 33.90 -41.19
C LEU F 299 2.24 34.82 -41.85
N ASN F 300 2.64 35.88 -41.16
CA ASN F 300 3.60 36.84 -41.67
C ASN F 300 4.55 37.25 -40.56
N ALA F 301 5.70 37.78 -40.97
CA ALA F 301 6.73 38.23 -40.03
C ALA F 301 6.71 39.74 -39.92
N THR F 302 6.61 40.24 -38.69
CA THR F 302 6.59 41.67 -38.42
C THR F 302 7.73 42.12 -37.52
N SER F 303 8.75 41.29 -37.33
CA SER F 303 9.87 41.63 -36.45
C SER F 303 11.10 40.88 -36.91
N LYS F 304 12.26 41.31 -36.40
CA LYS F 304 13.51 40.66 -36.74
C LYS F 304 13.54 39.21 -36.27
N PHE F 305 13.02 38.96 -35.06
CA PHE F 305 12.96 37.58 -34.55
C PHE F 305 12.04 36.73 -35.42
N MET F 306 10.91 37.28 -35.84
CA MET F 306 10.01 36.54 -36.72
C MET F 306 10.65 36.25 -38.07
N GLU F 307 11.41 37.21 -38.61
CA GLU F 307 12.07 37.01 -39.89
C GLU F 307 13.07 35.85 -39.80
N PHE F 308 13.83 35.79 -38.72
CA PHE F 308 14.74 34.66 -38.51
C PHE F 308 13.97 33.35 -38.35
N TYR F 309 12.87 33.38 -37.59
CA TYR F 309 12.09 32.17 -37.38
C TYR F 309 11.37 31.73 -38.66
N GLN F 310 10.88 32.69 -39.45
CA GLN F 310 10.17 32.34 -40.67
C GLN F 310 11.08 31.62 -41.67
N ASP F 311 12.33 32.08 -41.80
CA ASP F 311 13.25 31.48 -42.75
C ASP F 311 13.76 30.11 -42.29
N VAL F 312 13.48 29.70 -41.05
CA VAL F 312 13.97 28.44 -40.52
C VAL F 312 12.81 27.60 -40.00
N LYS F 313 11.57 28.10 -40.22
CA LYS F 313 10.39 27.42 -39.69
C LYS F 313 10.26 26.01 -40.25
N ASP F 314 10.47 25.86 -41.56
CA ASP F 314 10.34 24.54 -42.18
C ASP F 314 11.47 23.62 -41.76
N TRP F 315 12.70 24.14 -41.70
CA TRP F 315 13.83 23.34 -41.25
C TRP F 315 13.67 22.92 -39.80
N TRP F 316 13.24 23.85 -38.95
CA TRP F 316 13.06 23.52 -37.53
C TRP F 316 11.92 22.53 -37.34
N LEU F 317 10.81 22.72 -38.05
CA LEU F 317 9.68 21.80 -37.92
C LEU F 317 10.05 20.40 -38.42
N PHE F 318 10.76 20.33 -39.55
CA PHE F 318 11.23 19.04 -40.03
C PHE F 318 12.26 18.44 -39.09
N GLY F 319 13.17 19.26 -38.56
CA GLY F 319 14.17 18.75 -37.64
C GLY F 319 13.58 18.27 -36.33
N PHE F 320 12.63 19.02 -35.77
CA PHE F 320 12.05 18.63 -34.49
C PHE F 320 11.08 17.46 -34.62
N TYR F 321 10.55 17.20 -35.82
CA TYR F 321 9.57 16.14 -36.01
C TYR F 321 10.14 14.91 -36.69
N PHE F 322 11.25 15.04 -37.42
CA PHE F 322 11.89 13.90 -38.07
C PHE F 322 13.32 13.68 -37.62
N CYS F 323 14.14 14.73 -37.56
CA CYS F 323 15.55 14.54 -37.27
C CYS F 323 15.77 14.03 -35.85
N MET F 324 15.16 14.70 -34.86
CA MET F 324 15.41 14.34 -33.46
C MET F 324 14.58 13.13 -33.01
N PRO F 325 13.29 12.97 -33.41
CA PRO F 325 12.52 11.83 -32.88
C PRO F 325 12.92 10.51 -33.50
N LEU F 326 13.08 10.48 -34.83
CA LEU F 326 13.31 9.21 -35.52
C LEU F 326 14.61 8.55 -35.09
N VAL F 327 15.70 9.33 -35.04
CA VAL F 327 17.00 8.75 -34.69
C VAL F 327 17.02 8.34 -33.22
N CYS F 328 16.31 9.09 -32.37
CA CYS F 328 16.30 8.78 -30.94
C CYS F 328 15.51 7.51 -30.65
N THR F 329 14.35 7.37 -31.29
CA THR F 329 13.52 6.19 -31.05
C THR F 329 14.09 4.96 -31.74
N ALA F 330 14.84 5.15 -32.82
CA ALA F 330 15.43 4.02 -33.53
C ALA F 330 16.56 3.39 -32.73
N ILE F 331 17.47 4.22 -32.20
CA ILE F 331 18.60 3.68 -31.46
C ILE F 331 18.15 3.08 -30.14
N PHE F 332 17.16 3.70 -29.48
CA PHE F 332 16.67 3.16 -28.22
C PHE F 332 15.96 1.83 -28.42
N TYR F 333 15.14 1.72 -29.47
CA TYR F 333 14.49 0.46 -29.78
C TYR F 333 15.51 -0.60 -30.21
N THR F 334 16.49 -0.20 -31.01
CA THR F 334 17.54 -1.14 -31.42
C THR F 334 18.37 -1.59 -30.22
N LEU F 335 18.70 -0.67 -29.32
CA LEU F 335 19.43 -1.03 -28.11
C LEU F 335 18.60 -1.95 -27.23
N MET F 336 17.31 -1.66 -27.09
CA MET F 336 16.43 -2.52 -26.31
C MET F 336 16.32 -3.91 -26.93
N THR F 337 16.17 -3.97 -28.26
CA THR F 337 16.08 -5.26 -28.93
C THR F 337 17.39 -6.03 -28.81
N CYS F 338 18.52 -5.34 -29.01
CA CYS F 338 19.82 -6.00 -28.92
C CYS F 338 20.09 -6.49 -27.50
N GLU F 339 19.75 -5.68 -26.49
CA GLU F 339 19.94 -6.09 -25.11
C GLU F 339 19.05 -7.27 -24.77
N MET F 340 17.82 -7.28 -25.28
CA MET F 340 16.91 -8.40 -25.04
C MET F 340 17.43 -9.69 -25.65
N LEU F 341 18.06 -9.61 -26.82
CA LEU F 341 18.58 -10.79 -27.51
C LEU F 341 20.04 -11.07 -27.17
N ASN F 342 20.63 -10.31 -26.25
CA ASN F 342 22.02 -10.54 -25.85
C ASN F 342 22.15 -11.86 -25.11
N LEU F 352 13.28 -20.92 -23.83
CA LEU F 352 14.24 -20.62 -24.88
C LEU F 352 13.69 -20.95 -26.25
N SER F 353 12.52 -21.58 -26.27
CA SER F 353 11.86 -21.95 -27.52
C SER F 353 10.49 -21.31 -27.70
N GLU F 354 9.69 -21.25 -26.64
CA GLU F 354 8.36 -20.65 -26.70
C GLU F 354 8.37 -19.16 -26.36
N HIS F 355 9.52 -18.60 -25.99
CA HIS F 355 9.62 -17.20 -25.65
C HIS F 355 10.25 -16.36 -26.75
N LEU F 356 11.09 -16.96 -27.61
CA LEU F 356 11.71 -16.21 -28.69
C LEU F 356 10.68 -15.71 -29.69
N LYS F 357 9.65 -16.50 -29.97
CA LYS F 357 8.61 -16.09 -30.90
C LYS F 357 7.88 -14.86 -30.41
N GLN F 358 7.58 -14.80 -29.10
CA GLN F 358 6.94 -13.62 -28.53
C GLN F 358 7.85 -12.40 -28.63
N ARG F 359 9.15 -12.59 -28.40
CA ARG F 359 10.09 -11.48 -28.51
C ARG F 359 10.17 -10.96 -29.94
N ARG F 360 10.10 -11.85 -30.92
CA ARG F 360 10.11 -11.42 -32.31
C ARG F 360 8.85 -10.64 -32.67
N GLU F 361 7.70 -11.09 -32.16
CA GLU F 361 6.44 -10.42 -32.49
C GLU F 361 6.40 -9.00 -31.94
N VAL F 362 6.83 -8.81 -30.69
CA VAL F 362 6.82 -7.48 -30.11
C VAL F 362 7.86 -6.59 -30.77
N ALA F 363 9.02 -7.15 -31.12
CA ALA F 363 10.05 -6.36 -31.79
C ALA F 363 9.57 -5.89 -33.17
N LYS F 364 8.89 -6.77 -33.91
CA LYS F 364 8.43 -6.41 -35.24
C LYS F 364 7.37 -5.30 -35.18
N THR F 365 6.43 -5.40 -34.24
CA THR F 365 5.35 -4.42 -34.18
C THR F 365 5.84 -3.10 -33.59
N VAL F 366 6.88 -3.13 -32.77
CA VAL F 366 7.46 -1.90 -32.25
C VAL F 366 8.15 -1.13 -33.38
N PHE F 367 8.92 -1.83 -34.21
CA PHE F 367 9.59 -1.17 -35.33
C PHE F 367 8.59 -0.78 -36.42
N CYS F 368 7.53 -1.56 -36.61
CA CYS F 368 6.53 -1.23 -37.62
C CYS F 368 5.81 0.07 -37.26
N LEU F 369 5.57 0.30 -35.97
CA LEU F 369 4.93 1.54 -35.55
C LEU F 369 5.79 2.75 -35.90
N VAL F 370 7.10 2.63 -35.71
CA VAL F 370 8.01 3.71 -36.10
C VAL F 370 8.00 3.89 -37.62
N VAL F 371 8.00 2.78 -38.36
CA VAL F 371 8.08 2.85 -39.83
C VAL F 371 6.85 3.55 -40.38
N ILE F 372 5.66 3.17 -39.91
CA ILE F 372 4.44 3.81 -40.41
C ILE F 372 4.38 5.27 -39.97
N PHE F 373 4.88 5.57 -38.77
CA PHE F 373 4.86 6.95 -38.29
C PHE F 373 5.73 7.84 -39.16
N ALA F 374 6.91 7.36 -39.55
CA ALA F 374 7.79 8.15 -40.42
C ALA F 374 7.19 8.32 -41.80
N LEU F 375 6.59 7.26 -42.35
CA LEU F 375 6.00 7.33 -43.68
C LEU F 375 4.79 8.28 -43.70
N CYS F 376 3.99 8.24 -42.63
CA CYS F 376 2.76 9.04 -42.62
C CYS F 376 3.05 10.53 -42.55
N TRP F 377 4.04 10.93 -41.75
CA TRP F 377 4.35 12.34 -41.55
C TRP F 377 5.35 12.88 -42.58
N PHE F 378 5.88 12.04 -43.45
CA PHE F 378 6.81 12.50 -44.47
C PHE F 378 6.19 13.51 -45.45
N PRO F 379 5.00 13.29 -46.00
CA PRO F 379 4.46 14.28 -46.96
C PRO F 379 4.27 15.67 -46.38
N LEU F 380 3.97 15.77 -45.08
CA LEU F 380 3.77 17.08 -44.47
C LEU F 380 5.03 17.93 -44.56
N HIS F 381 6.19 17.33 -44.25
CA HIS F 381 7.43 18.08 -44.31
C HIS F 381 8.03 18.11 -45.71
N LEU F 382 7.76 17.08 -46.53
CA LEU F 382 8.31 17.05 -47.87
C LEU F 382 7.79 18.22 -48.72
N SER F 383 6.50 18.52 -48.60
CA SER F 383 5.93 19.64 -49.35
C SER F 383 6.54 20.96 -48.90
N ARG F 384 6.71 21.14 -47.59
CA ARG F 384 7.26 22.39 -47.06
C ARG F 384 8.74 22.55 -47.40
N ILE F 385 9.50 21.47 -47.44
CA ILE F 385 10.91 21.56 -47.82
C ILE F 385 11.06 22.01 -49.26
N LEU F 386 10.19 21.52 -50.15
CA LEU F 386 10.25 21.90 -51.56
C LEU F 386 9.95 23.38 -51.78
N LYS F 387 9.32 24.03 -50.80
CA LYS F 387 9.04 25.46 -50.93
C LYS F 387 10.33 26.29 -50.96
N LYS F 388 11.32 25.88 -50.18
CA LYS F 388 12.57 26.62 -50.06
C LYS F 388 13.68 26.08 -50.95
N THR F 389 13.40 25.07 -51.79
CA THR F 389 14.42 24.47 -52.62
C THR F 389 14.14 24.60 -54.12
N VAL F 390 12.92 24.28 -54.56
CA VAL F 390 12.62 24.22 -55.99
C VAL F 390 11.57 25.25 -56.40
N TYR F 391 11.26 26.22 -55.56
CA TYR F 391 10.30 27.25 -55.91
C TYR F 391 10.95 28.35 -56.74
N GLU F 393 12.61 32.27 -56.37
CA GLU F 393 11.63 33.18 -56.92
C GLU F 393 11.05 32.53 -58.17
N MET F 394 9.73 32.57 -58.31
CA MET F 394 9.04 31.78 -59.32
C MET F 394 9.45 32.18 -60.73
N ASP F 395 9.71 31.19 -61.59
CA ASP F 395 9.98 31.40 -63.00
C ASP F 395 8.92 30.65 -63.81
N LYS F 396 7.76 31.27 -63.97
CA LYS F 396 6.68 30.76 -64.82
C LYS F 396 6.32 29.32 -64.51
N ASN F 397 6.42 28.91 -63.24
CA ASN F 397 6.09 27.54 -62.88
C ASN F 397 4.58 27.33 -62.87
N ARG F 398 3.88 28.42 -62.48
CA ARG F 398 2.40 28.43 -62.51
C ARG F 398 1.80 27.37 -61.60
N CYS F 399 0.68 26.75 -62.02
CA CYS F 399 0.08 25.78 -61.13
C CYS F 399 0.73 24.40 -61.22
N GLU F 400 1.70 24.22 -62.11
CA GLU F 400 2.37 22.93 -62.23
C GLU F 400 3.07 22.55 -60.94
N LEU F 401 3.71 23.51 -60.28
CA LEU F 401 4.39 23.26 -59.00
C LEU F 401 3.47 23.49 -57.81
N LEU F 402 2.56 24.46 -57.89
CA LEU F 402 1.73 24.79 -56.75
C LEU F 402 0.67 23.71 -56.49
N SER F 403 0.00 23.25 -57.54
CA SER F 403 -1.07 22.27 -57.37
C SER F 403 -0.54 20.95 -56.84
N PHE F 404 0.62 20.51 -57.35
CA PHE F 404 1.19 19.23 -56.92
C PHE F 404 1.51 19.26 -55.42
N LEU F 405 2.10 20.36 -54.95
CA LEU F 405 2.39 20.49 -53.52
C LEU F 405 1.11 20.70 -52.72
N LEU F 406 0.15 21.43 -53.28
CA LEU F 406 -1.15 21.57 -52.62
C LEU F 406 -1.87 20.24 -52.52
N LEU F 407 -1.81 19.43 -53.59
CA LEU F 407 -2.48 18.13 -53.57
C LEU F 407 -1.87 17.21 -52.53
N MET F 408 -0.55 17.19 -52.42
CA MET F 408 0.10 16.33 -51.44
C MET F 408 -0.06 16.87 -50.03
N ASP F 409 -0.33 18.17 -49.88
CA ASP F 409 -0.55 18.74 -48.56
C ASP F 409 -1.81 18.17 -47.92
N TYR F 410 -2.90 18.11 -48.69
CA TYR F 410 -4.15 17.56 -48.18
C TYR F 410 -4.11 16.03 -48.09
N ILE F 411 -3.41 15.37 -49.01
CA ILE F 411 -3.24 13.91 -48.91
C ILE F 411 -2.43 13.56 -47.66
N GLY F 412 -1.35 14.30 -47.41
CA GLY F 412 -0.51 14.01 -46.27
C GLY F 412 -1.20 14.20 -44.93
N ILE F 413 -2.01 15.24 -44.80
CA ILE F 413 -2.70 15.49 -43.53
C ILE F 413 -3.68 14.37 -43.23
N ASN F 414 -4.22 13.73 -44.28
CA ASN F 414 -5.03 12.53 -44.07
C ASN F 414 -4.15 11.36 -43.65
N LEU F 415 -2.95 11.26 -44.23
CA LEU F 415 -2.03 10.19 -43.85
C LEU F 415 -1.57 10.35 -42.42
N ALA F 416 -1.28 11.59 -41.99
CA ALA F 416 -0.91 11.83 -40.60
C ALA F 416 -2.04 11.48 -39.66
N THR F 417 -3.27 11.82 -40.04
CA THR F 417 -4.43 11.50 -39.21
C THR F 417 -4.63 9.98 -39.09
N MET F 418 -4.48 9.26 -40.21
CA MET F 418 -4.67 7.80 -40.14
C MET F 418 -3.59 7.14 -39.30
N ASN F 419 -2.40 7.75 -39.23
CA ASN F 419 -1.40 7.29 -38.27
C ASN F 419 -1.90 7.46 -36.85
N SER F 420 -2.56 8.58 -36.56
CA SER F 420 -3.17 8.79 -35.25
C SER F 420 -4.29 7.77 -35.00
N CYS F 421 -5.07 7.46 -36.04
CA CYS F 421 -6.18 6.52 -35.89
C CYS F 421 -5.70 5.08 -35.68
N ILE F 422 -4.58 4.69 -36.29
CA ILE F 422 -4.06 3.34 -36.13
C ILE F 422 -3.30 3.15 -34.82
N ASN F 423 -2.77 4.23 -34.24
CA ASN F 423 -1.98 4.14 -33.01
C ASN F 423 -2.71 3.43 -31.87
N PRO F 424 -3.98 3.75 -31.52
CA PRO F 424 -4.59 3.07 -30.37
C PRO F 424 -5.03 1.64 -30.67
N ILE F 425 -5.55 1.40 -31.88
CA ILE F 425 -6.01 0.06 -32.22
C ILE F 425 -4.85 -0.91 -32.39
N ALA F 426 -3.64 -0.39 -32.66
CA ALA F 426 -2.47 -1.27 -32.73
C ALA F 426 -2.18 -1.91 -31.37
N LEU F 427 -2.31 -1.13 -30.30
CA LEU F 427 -2.11 -1.67 -28.96
C LEU F 427 -3.14 -2.75 -28.63
N TYR F 428 -4.38 -2.56 -29.08
CA TYR F 428 -5.41 -3.57 -28.85
C TYR F 428 -5.09 -4.86 -29.58
N PHE F 429 -4.52 -4.78 -30.78
CA PHE F 429 -4.26 -5.98 -31.57
C PHE F 429 -3.06 -6.76 -31.05
N VAL F 430 -2.01 -6.06 -30.63
CA VAL F 430 -0.77 -6.74 -30.27
C VAL F 430 -0.93 -7.55 -28.99
N SER F 431 -1.66 -7.01 -28.01
CA SER F 431 -1.85 -7.66 -26.73
C SER F 431 -3.32 -7.59 -26.33
N LYS F 432 -3.75 -8.57 -25.54
CA LYS F 432 -5.12 -8.65 -25.04
C LYS F 432 -5.11 -8.33 -23.55
N LYS F 433 -5.10 -7.03 -23.25
CA LYS F 433 -5.27 -6.55 -21.89
C LYS F 433 -6.35 -5.48 -21.88
N PHE F 434 -6.46 -4.74 -22.99
CA PHE F 434 -7.55 -3.79 -23.16
C PHE F 434 -8.75 -4.49 -23.77
N LYS F 435 -9.92 -4.36 -23.13
CA LYS F 435 -11.15 -5.03 -23.60
C LYS F 435 -12.08 -4.02 -24.28
N ASN F 436 -12.34 -4.17 -25.58
CA ASN F 436 -13.14 -3.25 -26.40
C ASN F 436 -12.53 -1.84 -26.42
#